data_3ZQO
#
_entry.id   3ZQO
#
_cell.length_a   59.202
_cell.length_b   198.201
_cell.length_c   59.202
_cell.angle_alpha   90.00
_cell.angle_beta   90.81
_cell.angle_gamma   90.00
#
_symmetry.space_group_name_H-M   'P 1 21 1'
#
loop_
_entity.id
_entity.type
_entity.pdbx_description
1 polymer 'TERMINASE SMALL SUBUNIT'
2 non-polymer 'POTASSIUM ION'
3 water water
#
_entity_poly.entity_id   1
_entity_poly.type   'polypeptide(L)'
_entity_poly.pdbx_seq_one_letter_code
;GSH(MSE)ARIDARLKEINEKKILQANEVLEHLTRIALGQEKEQVL(MSE)GIGKGAETKTHVEVSAKDRIKALELLGKA
;
_entity_poly.pdbx_strand_id   A,B,C,D,E,F,G,H,I,J,K,L,M,N,O,P,Q,R
#
# COMPACT_ATOMS: atom_id res chain seq x y z
N ASN A 15 42.75 -8.62 49.98
CA ASN A 15 42.94 -9.04 48.56
C ASN A 15 42.67 -7.88 47.61
N GLU A 16 43.56 -7.73 46.64
CA GLU A 16 43.41 -6.71 45.59
C GLU A 16 42.96 -7.39 44.31
N LYS A 17 41.80 -6.96 43.81
CA LYS A 17 41.24 -7.52 42.57
C LYS A 17 41.81 -6.84 41.34
N LYS A 18 41.82 -7.59 40.24
CA LYS A 18 42.41 -7.12 38.99
C LYS A 18 41.64 -5.96 38.40
N ILE A 19 42.40 -4.96 37.93
CA ILE A 19 41.83 -3.89 37.12
C ILE A 19 42.63 -3.82 35.81
N LEU A 20 41.95 -4.00 34.69
CA LEU A 20 42.62 -3.90 33.39
C LEU A 20 43.32 -2.56 33.23
N GLN A 21 44.62 -2.64 33.00
CA GLN A 21 45.44 -1.48 32.78
C GLN A 21 45.42 -1.06 31.31
N ALA A 22 45.93 0.14 31.07
CA ALA A 22 45.79 0.86 29.78
C ALA A 22 46.14 0.05 28.54
N ASN A 23 47.32 -0.53 28.54
CA ASN A 23 47.83 -1.35 27.41
C ASN A 23 47.11 -2.69 27.28
N GLU A 24 46.69 -3.26 28.40
CA GLU A 24 45.93 -4.50 28.39
C GLU A 24 44.60 -4.30 27.65
N VAL A 25 43.93 -3.17 27.88
CA VAL A 25 42.65 -2.86 27.15
C VAL A 25 42.91 -2.79 25.64
N LEU A 26 44.04 -2.19 25.30
CA LEU A 26 44.40 -2.04 23.90
C LEU A 26 44.74 -3.38 23.27
N GLU A 27 45.36 -4.28 24.06
CA GLU A 27 45.69 -5.63 23.57
C GLU A 27 44.41 -6.42 23.26
N HIS A 28 43.45 -6.28 24.14
CA HIS A 28 42.14 -6.95 23.97
C HIS A 28 41.38 -6.42 22.78
N LEU A 29 41.35 -5.10 22.63
CA LEU A 29 40.63 -4.47 21.50
C LEU A 29 41.28 -4.91 20.18
N THR A 30 42.61 -5.06 20.22
CA THR A 30 43.38 -5.46 19.05
C THR A 30 43.07 -6.90 18.64
N ARG A 31 43.02 -7.80 19.61
CA ARG A 31 42.57 -9.19 19.34
C ARG A 31 41.19 -9.15 18.63
N ILE A 32 40.28 -8.36 19.17
CA ILE A 32 38.91 -8.24 18.58
C ILE A 32 39.04 -7.75 17.13
N ALA A 33 39.59 -6.55 16.97
CA ALA A 33 39.86 -5.90 15.65
C ALA A 33 40.46 -6.84 14.60
N LEU A 34 41.43 -7.62 15.03
CA LEU A 34 42.08 -8.65 14.20
C LEU A 34 41.25 -9.91 13.88
N GLY A 35 40.07 -10.03 14.49
CA GLY A 35 39.17 -11.16 14.21
C GLY A 35 39.62 -12.46 14.87
N GLN A 36 40.32 -12.31 15.99
CA GLN A 36 40.80 -13.43 16.80
C GLN A 36 39.82 -13.94 17.86
N GLU A 37 38.75 -13.19 18.11
CA GLU A 37 37.83 -13.50 19.22
C GLU A 37 36.44 -13.91 18.74
N LYS A 38 35.72 -14.52 19.65
CA LYS A 38 34.41 -15.13 19.38
C LYS A 38 33.39 -14.65 20.42
N GLU A 39 32.10 -14.77 20.13
CA GLU A 39 31.12 -14.59 21.19
C GLU A 39 30.13 -15.73 21.14
N GLN A 40 29.50 -15.99 22.28
CA GLN A 40 28.50 -17.04 22.42
C GLN A 40 27.10 -16.51 22.08
N VAL A 41 26.47 -17.23 21.17
CA VAL A 41 25.12 -16.91 20.73
C VAL A 41 24.30 -18.17 20.62
N LEU A 42 22.99 -17.96 20.55
CA LEU A 42 22.01 -19.04 20.39
C LEU A 42 21.69 -19.25 18.89
N GLY A 44 19.54 -21.74 16.00
CA GLY A 44 18.52 -22.77 15.76
C GLY A 44 19.07 -24.12 15.25
N ILE A 45 18.52 -25.22 15.79
CA ILE A 45 18.88 -26.58 15.33
C ILE A 45 17.70 -27.40 14.81
N GLY A 46 16.53 -26.78 14.77
CA GLY A 46 15.30 -27.46 14.30
C GLY A 46 14.12 -27.26 15.23
N LYS A 47 12.98 -26.95 14.61
CA LYS A 47 11.65 -27.01 15.24
C LYS A 47 11.39 -26.05 16.40
N GLY A 48 12.18 -24.96 16.47
CA GLY A 48 12.13 -23.96 17.56
C GLY A 48 13.22 -24.15 18.61
N ALA A 49 13.82 -25.33 18.67
CA ALA A 49 14.90 -25.60 19.63
C ALA A 49 16.17 -24.90 19.20
N GLU A 50 16.94 -24.47 20.19
CA GLU A 50 18.20 -23.78 19.97
C GLU A 50 19.28 -24.45 20.79
N THR A 51 20.52 -24.22 20.38
CA THR A 51 21.71 -24.65 21.14
C THR A 51 22.61 -23.42 21.31
N LYS A 52 23.60 -23.52 22.19
CA LYS A 52 24.58 -22.44 22.26
C LYS A 52 25.80 -22.78 21.40
N THR A 53 26.37 -21.75 20.79
CA THR A 53 27.51 -21.89 19.93
C THR A 53 28.35 -20.61 20.03
N HIS A 54 29.52 -20.65 19.40
CA HIS A 54 30.33 -19.46 19.18
C HIS A 54 30.41 -19.06 17.69
N VAL A 55 30.31 -17.75 17.45
CA VAL A 55 30.60 -17.19 16.12
C VAL A 55 31.61 -16.08 16.27
N GLU A 56 32.16 -15.66 15.14
CA GLU A 56 33.14 -14.59 15.13
C GLU A 56 32.47 -13.32 15.55
N VAL A 57 33.23 -12.52 16.30
CA VAL A 57 32.74 -11.22 16.67
C VAL A 57 32.39 -10.52 15.35
N SER A 58 31.27 -9.79 15.40
CA SER A 58 30.74 -9.19 14.19
C SER A 58 31.52 -7.98 13.73
N ALA A 59 31.20 -7.55 12.51
CA ALA A 59 31.82 -6.36 11.92
C ALA A 59 31.60 -5.08 12.76
N LYS A 60 30.35 -4.85 13.19
CA LYS A 60 30.01 -3.67 14.03
C LYS A 60 30.92 -3.60 15.26
N ASP A 61 31.06 -4.75 15.89
CA ASP A 61 31.88 -4.85 17.08
C ASP A 61 33.36 -4.68 16.75
N ARG A 62 33.83 -5.24 15.64
CA ARG A 62 35.24 -5.03 15.21
C ARG A 62 35.56 -3.57 14.89
N ILE A 63 34.61 -2.91 14.20
CA ILE A 63 34.73 -1.50 13.87
C ILE A 63 34.69 -0.60 15.12
N LYS A 64 33.92 -0.98 16.12
CA LYS A 64 33.94 -0.25 17.41
C LYS A 64 35.33 -0.41 18.04
N ALA A 65 35.85 -1.64 18.05
CA ALA A 65 37.24 -1.92 18.57
C ALA A 65 38.28 -1.03 17.83
N LEU A 66 38.18 -1.01 16.50
CA LEU A 66 39.07 -0.20 15.63
C LEU A 66 39.05 1.29 15.99
N GLU A 67 37.86 1.86 15.96
CA GLU A 67 37.59 3.24 16.40
C GLU A 67 38.25 3.58 17.74
N LEU A 68 38.11 2.70 18.73
CA LEU A 68 38.73 2.95 20.05
C LEU A 68 40.25 2.93 19.93
N LEU A 69 40.76 1.99 19.15
CA LEU A 69 42.21 1.92 18.84
C LEU A 69 42.75 3.17 18.18
N GLY A 70 41.99 3.72 17.22
CA GLY A 70 42.40 4.94 16.55
C GLY A 70 42.51 6.13 17.50
N LYS A 71 41.54 6.20 18.43
CA LYS A 71 41.43 7.34 19.38
C LYS A 71 42.55 7.37 20.41
N ALA A 72 43.18 6.22 20.64
CA ALA A 72 44.17 6.07 21.74
C ALA A 72 45.56 6.66 21.48
N LYS B 17 50.55 -9.37 22.78
CA LYS B 17 51.49 -9.50 21.63
C LYS B 17 51.48 -8.26 20.73
N LYS B 18 50.28 -7.78 20.41
CA LYS B 18 50.09 -6.72 19.40
C LYS B 18 49.07 -5.67 19.85
N ILE B 19 49.41 -4.43 19.52
CA ILE B 19 48.51 -3.28 19.64
C ILE B 19 48.51 -2.54 18.29
N LEU B 20 47.33 -2.33 17.74
CA LEU B 20 47.24 -1.59 16.49
C LEU B 20 47.48 -0.10 16.72
N GLN B 21 48.35 0.49 15.91
CA GLN B 21 48.45 1.96 15.87
C GLN B 21 47.42 2.52 14.86
N ALA B 22 47.28 3.84 14.85
CA ALA B 22 46.18 4.54 14.15
C ALA B 22 46.14 4.29 12.65
N ASN B 23 47.31 4.16 12.03
CA ASN B 23 47.41 3.96 10.57
C ASN B 23 47.05 2.51 10.18
N GLU B 24 47.46 1.55 11.01
CA GLU B 24 46.96 0.16 10.88
C GLU B 24 45.40 0.12 10.97
N VAL B 25 44.82 0.80 11.97
CA VAL B 25 43.35 0.95 12.09
C VAL B 25 42.75 1.44 10.76
N LEU B 26 43.30 2.52 10.23
CA LEU B 26 42.81 3.07 8.93
C LEU B 26 42.90 2.04 7.80
N GLU B 27 44.02 1.34 7.76
CA GLU B 27 44.21 0.23 6.82
C GLU B 27 43.08 -0.80 6.92
N HIS B 28 42.71 -1.17 8.13
CA HIS B 28 41.69 -2.19 8.33
C HIS B 28 40.34 -1.61 7.96
N LEU B 29 40.10 -0.38 8.37
CA LEU B 29 38.84 0.30 7.99
C LEU B 29 38.66 0.46 6.45
N THR B 30 39.77 0.68 5.75
CA THR B 30 39.79 0.84 4.30
C THR B 30 39.33 -0.42 3.56
N ARG B 31 39.89 -1.56 3.97
CA ARG B 31 39.45 -2.89 3.52
C ARG B 31 37.94 -3.02 3.63
N ILE B 32 37.43 -2.65 4.80
CA ILE B 32 35.99 -2.71 5.08
C ILE B 32 35.22 -1.82 4.13
N ALA B 33 35.62 -0.54 3.99
CA ALA B 33 34.90 0.44 3.13
C ALA B 33 34.90 0.05 1.66
N LEU B 34 36.03 -0.45 1.21
CA LEU B 34 36.23 -0.95 -0.17
C LEU B 34 35.43 -2.23 -0.47
N GLY B 35 34.88 -2.85 0.58
CA GLY B 35 33.98 -3.99 0.42
C GLY B 35 34.71 -5.29 0.23
N GLN B 36 35.89 -5.38 0.86
CA GLN B 36 36.78 -6.55 0.76
C GLN B 36 36.61 -7.47 1.98
N GLU B 37 35.74 -7.09 2.90
CA GLU B 37 35.55 -7.84 4.15
C GLU B 37 34.23 -8.55 4.24
N LYS B 38 34.21 -9.55 5.09
CA LYS B 38 33.02 -10.32 5.38
C LYS B 38 32.84 -10.46 6.88
N GLU B 39 31.64 -10.89 7.24
CA GLU B 39 31.32 -11.22 8.60
C GLU B 39 30.52 -12.50 8.69
N GLN B 40 30.66 -13.16 9.82
CA GLN B 40 29.96 -14.41 10.08
C GLN B 40 28.60 -14.10 10.73
N VAL B 41 27.56 -14.74 10.20
CA VAL B 41 26.18 -14.59 10.65
C VAL B 41 25.46 -15.96 10.63
N LEU B 42 24.29 -16.02 11.28
CA LEU B 42 23.45 -17.23 11.25
C LEU B 42 22.40 -17.05 10.15
N GLY B 44 19.11 -19.05 8.21
CA GLY B 44 18.18 -20.17 8.26
C GLY B 44 18.38 -21.12 7.08
N ILE B 45 18.25 -22.42 7.34
CA ILE B 45 18.33 -23.43 6.28
C ILE B 45 17.03 -24.26 6.17
N GLY B 46 16.07 -23.94 7.02
CA GLY B 46 14.73 -24.55 6.96
C GLY B 46 14.33 -25.28 8.24
N LYS B 47 13.04 -25.19 8.56
CA LYS B 47 12.42 -25.86 9.70
C LYS B 47 13.08 -25.44 11.03
N GLY B 48 13.39 -24.15 11.12
CA GLY B 48 13.98 -23.55 12.32
C GLY B 48 15.50 -23.62 12.43
N ALA B 49 16.07 -24.62 11.76
CA ALA B 49 17.55 -24.79 11.74
C ALA B 49 18.28 -23.63 11.08
N GLU B 50 19.41 -23.28 11.68
CA GLU B 50 20.30 -22.24 11.18
C GLU B 50 21.68 -22.85 10.92
N THR B 51 22.46 -22.12 10.16
CA THR B 51 23.81 -22.52 9.77
C THR B 51 24.73 -21.30 9.77
N LYS B 52 25.97 -21.52 10.15
CA LYS B 52 26.92 -20.42 10.18
C LYS B 52 27.28 -20.12 8.74
N THR B 53 27.46 -18.85 8.40
CA THR B 53 27.95 -18.54 7.07
C THR B 53 28.54 -17.15 7.08
N HIS B 54 29.13 -16.77 5.96
CA HIS B 54 29.59 -15.41 5.81
C HIS B 54 28.85 -14.62 4.76
N VAL B 55 28.73 -13.34 5.07
CA VAL B 55 28.19 -12.33 4.22
C VAL B 55 29.15 -11.17 4.14
N GLU B 56 28.99 -10.40 3.07
CA GLU B 56 29.59 -9.09 2.94
C GLU B 56 29.26 -8.23 4.14
N VAL B 57 30.20 -7.36 4.51
CA VAL B 57 29.95 -6.40 5.56
C VAL B 57 28.86 -5.41 5.10
N SER B 58 27.97 -5.09 6.03
CA SER B 58 26.76 -4.28 5.74
C SER B 58 27.10 -2.83 5.35
N ALA B 59 26.17 -2.18 4.69
CA ALA B 59 26.39 -0.79 4.31
C ALA B 59 26.56 0.13 5.52
N LYS B 60 25.74 -0.08 6.57
CA LYS B 60 25.81 0.68 7.83
C LYS B 60 27.24 0.64 8.34
N ASP B 61 27.77 -0.57 8.41
CA ASP B 61 29.17 -0.78 8.87
C ASP B 61 30.20 -0.17 7.92
N ARG B 62 30.01 -0.35 6.62
CA ARG B 62 30.88 0.28 5.61
C ARG B 62 30.87 1.82 5.76
N ILE B 63 29.68 2.38 5.95
CA ILE B 63 29.53 3.84 6.16
C ILE B 63 30.26 4.30 7.40
N LYS B 64 30.08 3.59 8.51
CA LYS B 64 30.86 3.90 9.72
C LYS B 64 32.36 3.91 9.46
N ALA B 65 32.85 2.92 8.73
CA ALA B 65 34.28 2.89 8.33
C ALA B 65 34.67 4.14 7.51
N LEU B 66 33.79 4.51 6.58
CA LEU B 66 33.98 5.70 5.76
C LEU B 66 34.04 6.95 6.64
N GLU B 67 33.05 7.12 7.48
CA GLU B 67 33.02 8.22 8.42
C GLU B 67 34.36 8.37 9.19
N LEU B 68 34.89 7.27 9.67
CA LEU B 68 36.16 7.29 10.47
C LEU B 68 37.36 7.66 9.59
N LEU B 69 37.34 7.17 8.36
CA LEU B 69 38.40 7.41 7.38
C LEU B 69 38.43 8.89 7.03
N GLY B 70 37.29 9.42 6.61
CA GLY B 70 37.13 10.87 6.41
C GLY B 70 37.39 11.78 7.61
N LYS B 71 37.46 11.23 8.82
CA LYS B 71 37.79 12.03 10.02
C LYS B 71 39.24 11.83 10.46
N ALA B 72 39.96 10.99 9.73
CA ALA B 72 41.36 10.66 10.10
C ALA B 72 42.29 11.84 9.80
N LYS C 17 49.80 -1.46 2.19
CA LYS C 17 48.32 -1.58 2.30
C LYS C 17 47.67 -0.19 2.18
N LYS C 18 46.56 -0.13 1.48
CA LYS C 18 45.91 1.15 1.10
C LYS C 18 45.18 1.83 2.26
N ILE C 19 45.26 3.16 2.28
CA ILE C 19 44.45 3.98 3.15
C ILE C 19 43.64 4.98 2.34
N LEU C 20 42.32 4.77 2.33
CA LEU C 20 41.38 5.73 1.73
C LEU C 20 41.62 7.14 2.28
N GLN C 21 41.77 8.11 1.38
CA GLN C 21 41.85 9.52 1.76
C GLN C 21 40.51 10.22 1.60
N ALA C 22 40.42 11.44 2.11
CA ALA C 22 39.13 12.15 2.26
C ALA C 22 38.32 12.26 0.98
N ASN C 23 39.02 12.45 -0.13
CA ASN C 23 38.35 12.64 -1.42
C ASN C 23 37.69 11.35 -1.93
N GLU C 24 38.38 10.23 -1.75
CA GLU C 24 37.85 8.89 -2.05
C GLU C 24 36.67 8.54 -1.16
N VAL C 25 36.81 8.86 0.13
CA VAL C 25 35.71 8.68 1.10
C VAL C 25 34.45 9.38 0.61
N LEU C 26 34.58 10.64 0.16
CA LEU C 26 33.41 11.41 -0.32
C LEU C 26 32.84 10.89 -1.64
N GLU C 27 33.71 10.33 -2.49
CA GLU C 27 33.30 9.68 -3.75
C GLU C 27 32.45 8.44 -3.43
N HIS C 28 32.95 7.59 -2.53
CA HIS C 28 32.20 6.40 -2.07
C HIS C 28 30.85 6.74 -1.44
N LEU C 29 30.82 7.80 -0.63
CA LEU C 29 29.59 8.19 0.06
C LEU C 29 28.58 8.70 -0.96
N THR C 30 29.11 9.30 -2.01
CA THR C 30 28.31 9.89 -3.09
C THR C 30 27.53 8.83 -3.83
N ARG C 31 28.20 7.75 -4.21
CA ARG C 31 27.49 6.59 -4.83
C ARG C 31 26.36 6.02 -3.95
N ILE C 32 26.65 5.84 -2.67
CA ILE C 32 25.62 5.48 -1.65
C ILE C 32 24.44 6.48 -1.70
N ALA C 33 24.75 7.74 -1.43
CA ALA C 33 23.73 8.79 -1.39
C ALA C 33 22.84 8.79 -2.63
N LEU C 34 23.44 8.56 -3.81
CA LEU C 34 22.73 8.55 -5.11
C LEU C 34 22.01 7.24 -5.42
N GLY C 35 22.07 6.27 -4.50
CA GLY C 35 21.28 5.05 -4.64
C GLY C 35 21.86 4.05 -5.62
N GLN C 36 23.15 4.22 -5.91
CA GLN C 36 23.89 3.37 -6.84
C GLN C 36 24.51 2.11 -6.20
N GLU C 37 24.38 1.98 -4.89
CA GLU C 37 25.05 0.91 -4.18
C GLU C 37 24.06 -0.15 -3.70
N LYS C 38 24.59 -1.32 -3.38
CA LYS C 38 23.79 -2.43 -2.87
C LYS C 38 24.42 -2.96 -1.60
N GLU C 39 23.65 -3.76 -0.85
CA GLU C 39 24.19 -4.55 0.28
C GLU C 39 23.65 -5.98 0.25
N GLN C 40 24.46 -6.88 0.78
CA GLN C 40 24.09 -8.30 0.90
C GLN C 40 23.33 -8.54 2.19
N VAL C 41 22.16 -9.14 2.01
CA VAL C 41 21.23 -9.54 3.06
C VAL C 41 20.75 -11.01 2.92
N LEU C 42 20.06 -11.46 3.95
CA LEU C 42 19.39 -12.77 3.98
C LEU C 42 17.91 -12.60 3.69
N GLY C 44 14.27 -14.76 3.01
CA GLY C 44 13.49 -15.98 3.17
C GLY C 44 13.10 -16.52 1.82
N ILE C 45 13.33 -17.82 1.63
CA ILE C 45 12.95 -18.54 0.40
C ILE C 45 11.93 -19.67 0.62
N GLY C 46 11.44 -19.83 1.84
CA GLY C 46 10.50 -20.93 2.16
C GLY C 46 10.85 -21.76 3.37
N LYS C 47 9.88 -21.85 4.29
CA LYS C 47 9.85 -22.77 5.45
C LYS C 47 11.09 -22.63 6.36
N GLY C 48 11.45 -21.37 6.64
CA GLY C 48 12.63 -21.04 7.45
C GLY C 48 13.95 -20.97 6.69
N ALA C 49 14.02 -21.57 5.50
CA ALA C 49 15.21 -21.45 4.66
C ALA C 49 15.45 -20.02 4.15
N GLU C 50 16.71 -19.59 4.19
CA GLU C 50 17.08 -18.30 3.65
C GLU C 50 18.18 -18.43 2.58
N THR C 51 18.42 -17.32 1.87
CA THR C 51 19.45 -17.28 0.84
C THR C 51 20.04 -15.88 0.82
N LYS C 52 21.28 -15.79 0.35
CA LYS C 52 21.94 -14.52 0.15
C LYS C 52 21.44 -13.82 -1.11
N THR C 53 21.25 -12.50 -0.99
CA THR C 53 20.83 -11.66 -2.08
C THR C 53 21.23 -10.20 -1.82
N HIS C 54 21.19 -9.40 -2.87
CA HIS C 54 21.50 -7.97 -2.76
C HIS C 54 20.27 -7.10 -2.92
N VAL C 55 20.19 -6.10 -2.04
CA VAL C 55 19.13 -5.11 -2.01
C VAL C 55 19.75 -3.74 -2.10
N GLU C 56 18.99 -2.78 -2.62
CA GLU C 56 19.40 -1.37 -2.52
C GLU C 56 19.75 -1.05 -1.06
N VAL C 57 20.79 -0.23 -0.92
CA VAL C 57 21.14 0.37 0.34
C VAL C 57 19.95 1.20 0.82
N SER C 58 19.72 1.12 2.12
CA SER C 58 18.50 1.68 2.77
C SER C 58 18.47 3.21 2.81
N ALA C 59 17.28 3.74 3.02
CA ALA C 59 17.11 5.19 3.20
C ALA C 59 17.97 5.69 4.38
N LYS C 60 17.87 4.99 5.49
CA LYS C 60 18.67 5.33 6.69
C LYS C 60 20.14 5.49 6.31
N ASP C 61 20.63 4.50 5.58
CA ASP C 61 22.09 4.47 5.25
C ASP C 61 22.46 5.57 4.25
N ARG C 62 21.59 5.75 3.23
CA ARG C 62 21.65 6.89 2.30
C ARG C 62 21.64 8.23 2.99
N ILE C 63 20.79 8.37 4.00
CA ILE C 63 20.59 9.66 4.68
C ILE C 63 21.84 10.02 5.51
N LYS C 64 22.42 8.99 6.08
CA LYS C 64 23.70 9.14 6.80
C LYS C 64 24.81 9.56 5.85
N ALA C 65 24.84 8.95 4.66
CA ALA C 65 25.76 9.35 3.58
C ALA C 65 25.59 10.83 3.19
N LEU C 66 24.34 11.29 3.20
CA LEU C 66 24.04 12.70 2.88
C LEU C 66 24.50 13.62 3.99
N GLU C 67 24.25 13.21 5.22
CA GLU C 67 24.63 13.99 6.38
C GLU C 67 26.16 14.18 6.40
N LEU C 68 26.86 13.13 6.00
CA LEU C 68 28.34 13.12 5.97
C LEU C 68 28.89 14.03 4.83
N LEU C 69 28.23 13.98 3.68
CA LEU C 69 28.55 14.85 2.54
C LEU C 69 28.19 16.33 2.82
N GLY C 70 27.10 16.54 3.55
CA GLY C 70 26.66 17.87 4.02
C GLY C 70 27.61 18.55 5.00
N LYS C 71 28.54 17.76 5.55
CA LYS C 71 29.46 18.23 6.58
C LYS C 71 30.89 18.50 6.06
N ALA C 72 31.19 18.07 4.84
CA ALA C 72 32.54 18.18 4.27
C ALA C 72 32.95 19.65 4.01
N ASN D 15 32.13 10.45 -13.03
CA ASN D 15 31.20 9.92 -11.98
C ASN D 15 31.90 9.01 -11.01
N GLU D 16 33.04 8.49 -11.44
CA GLU D 16 33.93 7.67 -10.65
C GLU D 16 34.72 8.56 -9.69
N LYS D 17 34.66 9.87 -9.90
CA LYS D 17 35.01 10.77 -8.82
C LYS D 17 34.06 11.93 -8.65
N LYS D 18 32.79 11.68 -8.96
CA LYS D 18 31.75 12.65 -8.65
C LYS D 18 31.55 12.75 -7.12
N ILE D 19 31.53 13.98 -6.63
CA ILE D 19 31.18 14.30 -5.25
C ILE D 19 29.96 15.25 -5.19
N LEU D 20 28.94 14.84 -4.45
CA LEU D 20 27.75 15.70 -4.23
C LEU D 20 28.12 16.97 -3.49
N GLN D 21 27.70 18.09 -4.05
CA GLN D 21 27.94 19.39 -3.44
C GLN D 21 26.81 19.78 -2.45
N ALA D 22 27.03 20.84 -1.68
CA ALA D 22 26.17 21.14 -0.53
C ALA D 22 24.69 21.23 -0.92
N ASN D 23 24.43 21.97 -2.00
CA ASN D 23 23.02 22.14 -2.47
C ASN D 23 22.44 20.84 -2.98
N GLU D 24 23.24 20.05 -3.68
CA GLU D 24 22.79 18.72 -4.14
C GLU D 24 22.33 17.86 -2.97
N VAL D 25 23.10 17.89 -1.89
CA VAL D 25 22.73 17.15 -0.69
C VAL D 25 21.35 17.63 -0.17
N LEU D 26 21.17 18.94 -0.04
CA LEU D 26 19.91 19.52 0.46
C LEU D 26 18.72 19.19 -0.47
N GLU D 27 18.94 19.16 -1.78
CA GLU D 27 17.86 18.80 -2.74
C GLU D 27 17.45 17.34 -2.60
N HIS D 28 18.45 16.50 -2.34
CA HIS D 28 18.23 15.08 -2.13
C HIS D 28 17.48 14.83 -0.82
N LEU D 29 17.90 15.48 0.26
CA LEU D 29 17.14 15.46 1.53
C LEU D 29 15.73 16.00 1.45
N THR D 30 15.54 17.01 0.61
CA THR D 30 14.23 17.62 0.35
C THR D 30 13.30 16.62 -0.34
N ARG D 31 13.81 15.84 -1.29
CA ARG D 31 12.96 14.81 -1.93
C ARG D 31 12.47 13.75 -0.92
N ILE D 32 13.38 13.36 -0.04
CA ILE D 32 13.07 12.42 1.04
C ILE D 32 12.01 13.01 1.96
N ALA D 33 12.33 14.18 2.52
CA ALA D 33 11.44 14.93 3.42
C ALA D 33 10.04 15.09 2.84
N LEU D 34 9.97 15.34 1.54
CA LEU D 34 8.68 15.66 0.86
C LEU D 34 7.85 14.40 0.54
N GLY D 35 8.42 13.23 0.83
CA GLY D 35 7.73 11.94 0.62
C GLY D 35 7.81 11.39 -0.81
N GLN D 36 8.81 11.85 -1.56
CA GLN D 36 8.95 11.55 -2.99
C GLN D 36 9.87 10.38 -3.32
N GLU D 37 10.38 9.76 -2.28
CA GLU D 37 11.41 8.74 -2.39
C GLU D 37 10.96 7.40 -1.80
N LYS D 38 11.56 6.33 -2.32
CA LYS D 38 11.27 4.99 -1.80
C LYS D 38 12.52 4.29 -1.25
N GLU D 39 12.30 3.09 -0.74
CA GLU D 39 13.39 2.20 -0.38
C GLU D 39 12.97 0.76 -0.56
N GLN D 40 13.97 -0.06 -0.91
CA GLN D 40 13.78 -1.45 -1.23
C GLN D 40 13.93 -2.26 0.04
N VAL D 41 12.88 -3.03 0.31
CA VAL D 41 12.75 -3.88 1.48
C VAL D 41 12.33 -5.29 1.03
N LEU D 42 12.27 -6.18 2.00
CA LEU D 42 11.82 -7.58 1.83
C LEU D 42 10.43 -7.73 2.43
N GLY D 44 6.99 -10.39 2.90
CA GLY D 44 6.60 -11.79 2.95
C GLY D 44 5.55 -12.07 1.89
N ILE D 45 5.72 -13.18 1.20
CA ILE D 45 4.73 -13.63 0.18
C ILE D 45 4.19 -15.05 0.44
N GLY D 46 4.28 -15.48 1.69
CA GLY D 46 3.76 -16.79 2.09
C GLY D 46 4.80 -17.84 2.43
N LYS D 47 4.58 -18.52 3.56
CA LYS D 47 5.30 -19.73 3.98
C LYS D 47 6.81 -19.54 4.16
N GLY D 48 7.24 -18.32 4.49
CA GLY D 48 8.69 -18.04 4.75
C GLY D 48 9.40 -17.43 3.55
N ALA D 49 8.69 -17.40 2.43
CA ALA D 49 9.19 -16.83 1.19
C ALA D 49 9.05 -15.33 1.26
N GLU D 50 10.06 -14.65 0.74
CA GLU D 50 10.08 -13.19 0.68
C GLU D 50 10.34 -12.76 -0.76
N THR D 51 9.97 -11.53 -1.05
CA THR D 51 10.29 -10.89 -2.31
C THR D 51 10.76 -9.48 -2.10
N LYS D 52 11.51 -8.95 -3.07
CA LYS D 52 11.97 -7.55 -3.04
C LYS D 52 10.82 -6.65 -3.48
N THR D 53 10.65 -5.56 -2.76
CA THR D 53 9.60 -4.59 -3.07
C THR D 53 10.09 -3.21 -2.68
N HIS D 54 9.39 -2.18 -3.14
CA HIS D 54 9.71 -0.80 -2.71
C HIS D 54 8.62 -0.17 -1.82
N VAL D 55 9.06 0.43 -0.72
CA VAL D 55 8.16 1.13 0.20
C VAL D 55 8.50 2.61 0.33
N GLU D 56 7.54 3.42 0.81
CA GLU D 56 7.82 4.84 1.07
C GLU D 56 8.89 4.80 2.19
N VAL D 57 9.85 5.72 2.07
CA VAL D 57 10.79 5.99 3.14
C VAL D 57 10.02 6.32 4.41
N SER D 58 10.52 5.79 5.52
CA SER D 58 9.84 5.84 6.83
C SER D 58 9.75 7.23 7.38
N ALA D 59 8.82 7.40 8.33
CA ALA D 59 8.60 8.64 9.06
C ALA D 59 9.90 9.05 9.75
N LYS D 60 10.57 8.07 10.33
CA LYS D 60 11.82 8.34 11.08
C LYS D 60 12.91 8.92 10.18
N ASP D 61 13.07 8.35 9.01
CA ASP D 61 14.10 8.78 8.04
C ASP D 61 13.75 10.14 7.45
N ARG D 62 12.46 10.35 7.15
CA ARG D 62 12.03 11.70 6.76
C ARG D 62 12.27 12.75 7.83
N ILE D 63 12.17 12.39 9.11
CA ILE D 63 12.33 13.38 10.17
C ILE D 63 13.83 13.72 10.37
N LYS D 64 14.68 12.73 10.17
CA LYS D 64 16.13 12.98 10.02
C LYS D 64 16.46 13.95 8.88
N ALA D 65 15.89 13.72 7.70
CA ALA D 65 16.10 14.64 6.56
C ALA D 65 15.62 16.05 6.90
N LEU D 66 14.45 16.14 7.53
CA LEU D 66 13.91 17.43 8.01
C LEU D 66 14.78 18.19 9.00
N GLU D 67 15.19 17.48 10.05
CA GLU D 67 16.23 17.91 10.97
C GLU D 67 17.40 18.50 10.20
N LEU D 68 17.95 17.70 9.29
CA LEU D 68 19.13 18.12 8.49
C LEU D 68 18.86 19.36 7.65
N LEU D 69 17.70 19.40 7.01
CA LEU D 69 17.30 20.59 6.24
C LEU D 69 17.12 21.81 7.16
N GLY D 70 16.73 21.58 8.40
CA GLY D 70 16.53 22.64 9.40
C GLY D 70 17.83 23.17 9.99
N LYS D 71 18.90 22.38 9.89
CA LYS D 71 20.23 22.82 10.36
C LYS D 71 20.99 23.65 9.32
N ALA D 72 20.54 23.53 8.06
CA ALA D 72 21.17 24.22 6.92
C ALA D 72 21.20 25.75 7.03
N LYS E 17 15.47 20.63 -8.11
CA LYS E 17 15.83 22.05 -7.78
C LYS E 17 15.36 22.52 -6.40
N LYS E 18 14.21 22.03 -5.93
CA LYS E 18 13.67 22.49 -4.64
C LYS E 18 14.51 22.07 -3.43
N ILE E 19 14.65 23.04 -2.52
CA ILE E 19 15.32 22.87 -1.24
C ILE E 19 14.37 23.38 -0.17
N LEU E 20 13.87 22.46 0.64
CA LEU E 20 12.92 22.80 1.71
C LEU E 20 13.55 23.84 2.64
N GLN E 21 12.85 24.95 2.79
CA GLN E 21 13.31 26.03 3.65
C GLN E 21 12.98 25.81 5.13
N ALA E 22 13.69 26.54 5.99
CA ALA E 22 13.66 26.32 7.46
C ALA E 22 12.26 26.42 8.06
N ASN E 23 11.49 27.42 7.61
CA ASN E 23 10.06 27.56 8.00
C ASN E 23 9.19 26.40 7.51
N GLU E 24 9.45 25.97 6.28
CA GLU E 24 8.74 24.83 5.68
C GLU E 24 9.06 23.56 6.47
N VAL E 25 10.31 23.44 6.94
CA VAL E 25 10.70 22.32 7.81
C VAL E 25 9.83 22.24 9.09
N LEU E 26 9.76 23.33 9.84
CA LEU E 26 8.84 23.44 10.98
C LEU E 26 7.39 23.10 10.63
N GLU E 27 6.90 23.60 9.50
CA GLU E 27 5.53 23.25 9.06
C GLU E 27 5.35 21.75 8.95
N HIS E 28 6.30 21.09 8.28
CA HIS E 28 6.20 19.65 8.08
C HIS E 28 6.33 18.89 9.39
N LEU E 29 7.27 19.32 10.21
CA LEU E 29 7.42 18.76 11.55
C LEU E 29 6.14 18.89 12.40
N THR E 30 5.43 20.00 12.19
CA THR E 30 4.22 20.35 12.95
C THR E 30 3.08 19.36 12.59
N ARG E 31 3.01 19.02 11.32
CA ARG E 31 1.96 18.12 10.81
C ARG E 31 2.14 16.71 11.39
N ILE E 32 3.40 16.32 11.54
CA ILE E 32 3.75 15.04 12.18
C ILE E 32 3.47 15.06 13.68
N ALA E 33 3.97 16.10 14.35
CA ALA E 33 3.82 16.27 15.82
C ALA E 33 2.36 16.27 16.27
N LEU E 34 1.50 16.83 15.42
CA LEU E 34 0.06 16.94 15.69
C LEU E 34 -0.76 15.71 15.28
N GLY E 35 -0.08 14.62 14.94
CA GLY E 35 -0.77 13.36 14.61
C GLY E 35 -1.54 13.36 13.29
N GLN E 36 -1.17 14.24 12.37
CA GLN E 36 -1.89 14.35 11.09
C GLN E 36 -1.36 13.38 10.03
N GLU E 37 -0.23 12.73 10.34
CA GLU E 37 0.54 12.00 9.32
C GLU E 37 0.64 10.47 9.48
N LYS E 38 1.04 9.85 8.39
CA LYS E 38 1.22 8.39 8.33
C LYS E 38 2.52 7.93 7.67
N GLU E 39 2.89 6.70 7.95
CA GLU E 39 3.98 6.02 7.24
C GLU E 39 3.48 4.68 6.72
N GLN E 40 4.20 4.19 5.73
CA GLN E 40 3.90 2.93 5.09
C GLN E 40 4.72 1.85 5.78
N VAL E 41 4.04 0.77 6.14
CA VAL E 41 4.63 -0.36 6.86
C VAL E 41 4.12 -1.65 6.25
N LEU E 42 4.74 -2.76 6.65
CA LEU E 42 4.25 -4.08 6.29
C LEU E 42 3.41 -4.68 7.44
N GLY E 44 0.98 -8.28 8.45
CA GLY E 44 0.73 -9.69 8.17
C GLY E 44 -0.75 -9.85 7.77
N ILE E 45 -0.99 -10.68 6.77
CA ILE E 45 -2.38 -10.99 6.30
C ILE E 45 -2.69 -12.50 6.31
N GLY E 46 -1.72 -13.28 6.74
CA GLY E 46 -1.91 -14.69 6.99
C GLY E 46 -0.83 -15.54 6.38
N LYS E 47 -0.37 -16.52 7.16
CA LYS E 47 0.56 -17.58 6.71
C LYS E 47 1.87 -17.10 6.04
N GLY E 48 2.34 -15.93 6.47
CA GLY E 48 3.60 -15.34 6.00
C GLY E 48 3.47 -14.20 4.99
N ALA E 49 2.33 -14.17 4.28
CA ALA E 49 1.98 -13.07 3.39
C ALA E 49 1.80 -11.76 4.16
N GLU E 50 2.26 -10.69 3.56
CA GLU E 50 2.17 -9.36 4.10
C GLU E 50 1.59 -8.39 3.03
N THR E 51 0.89 -7.37 3.52
CA THR E 51 0.49 -6.21 2.70
C THR E 51 1.15 -4.90 3.13
N LYS E 52 1.33 -4.03 2.14
CA LYS E 52 1.69 -2.64 2.38
C LYS E 52 0.48 -1.96 2.96
N THR E 53 0.67 -1.24 4.03
CA THR E 53 -0.42 -0.48 4.65
C THR E 53 0.12 0.79 5.27
N HIS E 54 -0.80 1.72 5.52
CA HIS E 54 -0.47 2.97 6.23
C HIS E 54 -0.99 3.00 7.65
N VAL E 55 -0.09 3.39 8.56
CA VAL E 55 -0.40 3.58 9.96
C VAL E 55 -0.02 5.00 10.41
N GLU E 56 -0.56 5.41 11.54
CA GLU E 56 -0.29 6.69 12.13
C GLU E 56 1.21 6.71 12.39
N VAL E 57 1.79 7.90 12.39
CA VAL E 57 3.19 8.05 12.81
C VAL E 57 3.28 7.76 14.33
N SER E 58 4.33 7.04 14.71
CA SER E 58 4.50 6.56 16.06
C SER E 58 4.73 7.69 17.04
N ALA E 59 4.40 7.41 18.30
CA ALA E 59 4.78 8.30 19.45
C ALA E 59 6.24 8.67 19.36
N LYS E 60 7.06 7.67 19.07
CA LYS E 60 8.55 7.91 19.05
C LYS E 60 8.92 9.05 18.07
N ASP E 61 8.32 8.99 16.89
CA ASP E 61 8.63 9.92 15.80
C ASP E 61 7.96 11.29 16.05
N ARG E 62 6.74 11.24 16.57
CA ARG E 62 6.07 12.46 17.02
C ARG E 62 6.87 13.21 18.10
N ILE E 63 7.42 12.49 19.05
CA ILE E 63 8.15 13.13 20.13
C ILE E 63 9.43 13.77 19.58
N LYS E 64 10.06 13.13 18.61
CA LYS E 64 11.25 13.70 17.95
C LYS E 64 10.92 14.99 17.21
N ALA E 65 9.87 14.96 16.41
CA ALA E 65 9.35 16.18 15.79
C ALA E 65 9.06 17.27 16.83
N LEU E 66 8.42 16.88 17.92
CA LEU E 66 8.11 17.78 19.01
C LEU E 66 9.41 18.34 19.61
N GLU E 67 10.39 17.47 19.78
CA GLU E 67 11.72 17.89 20.28
C GLU E 67 12.40 18.94 19.38
N LEU E 68 12.41 18.63 18.08
CA LEU E 68 12.95 19.53 17.08
C LEU E 68 12.22 20.87 17.10
N LEU E 69 10.91 20.82 17.27
CA LEU E 69 10.08 22.02 17.29
C LEU E 69 10.33 22.91 18.51
N GLY E 70 10.51 22.29 19.66
CA GLY E 70 10.89 23.02 20.87
C GLY E 70 12.30 23.58 20.91
N LYS E 71 13.12 23.22 19.92
CA LYS E 71 14.52 23.73 19.82
C LYS E 71 14.68 24.85 18.79
N ALA E 72 13.64 25.02 17.99
CA ALA E 72 13.56 26.05 16.95
C ALA E 72 13.81 27.45 17.53
N LYS F 17 -0.32 26.97 6.97
CA LYS F 17 0.62 25.94 7.50
C LYS F 17 1.14 26.37 8.87
N LYS F 18 0.24 26.38 9.84
CA LYS F 18 0.60 26.76 11.21
C LYS F 18 1.84 26.00 11.72
N ILE F 19 2.53 26.62 12.65
CA ILE F 19 3.72 26.05 13.29
C ILE F 19 3.52 26.03 14.79
N LEU F 20 3.76 24.87 15.37
CA LEU F 20 3.66 24.65 16.81
C LEU F 20 4.72 25.42 17.56
N GLN F 21 4.27 26.24 18.50
CA GLN F 21 5.17 27.07 19.31
C GLN F 21 5.62 26.28 20.54
N ALA F 22 6.75 26.70 21.14
CA ALA F 22 7.45 25.98 22.23
C ALA F 22 6.57 25.56 23.42
N ASN F 23 5.62 26.42 23.77
CA ASN F 23 4.67 26.12 24.84
C ASN F 23 3.58 25.13 24.45
N GLU F 24 3.09 25.21 23.22
CA GLU F 24 2.25 24.15 22.67
C GLU F 24 3.01 22.79 22.56
N VAL F 25 4.32 22.85 22.44
CA VAL F 25 5.16 21.64 22.41
C VAL F 25 5.24 20.99 23.81
N LEU F 26 5.38 21.83 24.84
CA LEU F 26 5.38 21.38 26.23
C LEU F 26 4.02 20.80 26.69
N GLU F 27 2.94 21.35 26.16
CA GLU F 27 1.58 20.81 26.39
C GLU F 27 1.45 19.37 25.87
N HIS F 28 1.82 19.19 24.59
CA HIS F 28 1.72 17.87 23.91
C HIS F 28 2.62 16.82 24.57
N LEU F 29 3.80 17.24 25.02
CA LEU F 29 4.67 16.35 25.77
C LEU F 29 4.12 15.99 27.15
N THR F 30 3.53 16.97 27.83
CA THR F 30 2.82 16.72 29.07
C THR F 30 1.72 15.67 28.95
N ARG F 31 0.93 15.76 27.91
CA ARG F 31 -0.11 14.76 27.73
C ARG F 31 0.47 13.33 27.59
N ILE F 32 1.53 13.23 26.82
CA ILE F 32 2.23 11.96 26.63
C ILE F 32 2.77 11.42 27.98
N ALA F 33 3.48 12.28 28.71
CA ALA F 33 4.09 11.92 30.00
C ALA F 33 3.03 11.47 31.05
N LEU F 34 1.86 12.11 30.98
CA LEU F 34 0.72 11.81 31.88
C LEU F 34 -0.11 10.57 31.50
N GLY F 35 0.36 9.80 30.52
CA GLY F 35 -0.26 8.53 30.12
C GLY F 35 -1.59 8.74 29.38
N GLN F 36 -1.76 9.94 28.84
CA GLN F 36 -3.04 10.36 28.19
C GLN F 36 -3.16 9.99 26.71
N GLU F 37 -2.03 9.59 26.13
CA GLU F 37 -1.89 9.41 24.68
C GLU F 37 -1.77 7.94 24.26
N LYS F 38 -2.01 7.71 22.98
CA LYS F 38 -1.99 6.39 22.38
C LYS F 38 -1.26 6.44 21.03
N GLU F 39 -0.84 5.28 20.58
CA GLU F 39 -0.26 5.11 19.26
C GLU F 39 -0.82 3.85 18.65
N GLN F 40 -0.88 3.90 17.32
CA GLN F 40 -1.36 2.82 16.49
C GLN F 40 -0.22 1.84 16.22
N VAL F 41 -0.54 0.54 16.28
CA VAL F 41 0.41 -0.54 16.10
C VAL F 41 -0.26 -1.71 15.42
N LEU F 42 0.53 -2.71 15.04
CA LEU F 42 0.02 -3.96 14.44
C LEU F 42 -0.06 -5.09 15.44
N GLY F 44 -1.30 -9.12 16.34
CA GLY F 44 -1.62 -10.44 15.84
C GLY F 44 -3.06 -10.82 16.14
N ILE F 45 -3.75 -11.28 15.10
CA ILE F 45 -5.11 -11.84 15.26
C ILE F 45 -5.18 -13.37 15.04
N GLY F 46 -4.12 -13.94 14.49
CA GLY F 46 -3.95 -15.41 14.38
C GLY F 46 -3.53 -15.86 12.98
N LYS F 47 -2.62 -16.83 12.94
CA LYS F 47 -2.16 -17.47 11.69
C LYS F 47 -1.42 -16.49 10.78
N GLY F 48 -0.70 -15.58 11.41
CA GLY F 48 0.07 -14.53 10.69
C GLY F 48 -0.67 -13.23 10.42
N ALA F 49 -2.00 -13.28 10.30
CA ALA F 49 -2.78 -12.08 10.11
C ALA F 49 -2.62 -11.09 11.28
N GLU F 50 -2.59 -9.80 10.96
CA GLU F 50 -2.54 -8.72 11.94
C GLU F 50 -3.64 -7.71 11.68
N THR F 51 -3.95 -6.93 12.70
CA THR F 51 -4.89 -5.81 12.63
C THR F 51 -4.27 -4.55 13.23
N LYS F 52 -4.82 -3.41 12.84
CA LYS F 52 -4.39 -2.15 13.42
C LYS F 52 -5.17 -1.97 14.71
N THR F 53 -4.47 -1.47 15.72
CA THR F 53 -5.10 -1.17 16.99
C THR F 53 -4.31 -0.08 17.70
N HIS F 54 -4.90 0.43 18.78
CA HIS F 54 -4.26 1.46 19.61
C HIS F 54 -3.86 0.95 20.99
N VAL F 55 -2.62 1.30 21.36
CA VAL F 55 -2.04 0.95 22.65
C VAL F 55 -1.58 2.25 23.31
N GLU F 56 -1.51 2.24 24.64
CA GLU F 56 -0.95 3.34 25.40
C GLU F 56 0.46 3.56 24.86
N VAL F 57 0.92 4.80 24.93
CA VAL F 57 2.29 5.18 24.61
C VAL F 57 3.22 4.57 25.67
N SER F 58 4.31 4.00 25.16
CA SER F 58 5.25 3.19 25.94
C SER F 58 6.02 3.97 26.96
N ALA F 59 6.56 3.21 27.89
CA ALA F 59 7.40 3.74 28.98
C ALA F 59 8.57 4.56 28.46
N LYS F 60 9.22 4.00 27.44
CA LYS F 60 10.41 4.57 26.82
C LYS F 60 10.08 5.96 26.31
N ASP F 61 8.94 6.05 25.62
CA ASP F 61 8.49 7.29 25.04
C ASP F 61 8.07 8.27 26.10
N ARG F 62 7.29 7.79 27.07
CA ARG F 62 6.84 8.63 28.17
C ARG F 62 8.05 9.20 28.90
N ILE F 63 9.10 8.37 29.06
CA ILE F 63 10.34 8.88 29.71
C ILE F 63 11.05 9.97 28.91
N LYS F 64 11.19 9.78 27.60
CA LYS F 64 11.76 10.83 26.74
C LYS F 64 10.99 12.15 26.86
N ALA F 65 9.65 12.07 26.79
CA ALA F 65 8.77 13.22 27.09
C ALA F 65 9.07 13.92 28.43
N LEU F 66 9.29 13.09 29.44
CA LEU F 66 9.62 13.53 30.81
C LEU F 66 10.98 14.21 30.86
N GLU F 67 11.92 13.59 30.19
CA GLU F 67 13.25 14.18 29.98
C GLU F 67 13.17 15.59 29.36
N LEU F 68 12.47 15.72 28.23
CA LEU F 68 12.32 17.03 27.59
C LEU F 68 11.63 18.07 28.50
N LEU F 69 10.56 17.67 29.18
CA LEU F 69 9.81 18.59 30.04
C LEU F 69 10.73 19.13 31.15
N GLY F 70 11.63 18.26 31.59
CA GLY F 70 12.68 18.60 32.55
C GLY F 70 13.76 19.55 32.03
N LYS F 71 13.97 19.55 30.72
CA LYS F 71 14.99 20.46 30.14
C LYS F 71 14.40 21.83 29.87
N ALA F 72 13.07 21.87 29.82
CA ALA F 72 12.31 23.10 29.63
C ALA F 72 12.81 24.16 30.60
N GLU G 16 -1.53 27.93 27.91
CA GLU G 16 -3.02 27.81 27.81
C GLU G 16 -3.49 26.45 28.36
N LYS G 17 -2.68 25.40 28.19
CA LYS G 17 -2.97 24.03 28.68
C LYS G 17 -1.88 23.51 29.64
N LYS G 18 -2.20 22.42 30.36
CA LYS G 18 -1.32 21.94 31.49
C LYS G 18 0.08 21.58 31.03
N ILE G 19 1.08 22.08 31.76
CA ILE G 19 2.46 21.71 31.51
C ILE G 19 3.03 21.24 32.82
N LEU G 20 3.59 20.04 32.81
CA LEU G 20 4.29 19.49 33.98
C LEU G 20 5.49 20.35 34.34
N GLN G 21 5.58 20.65 35.62
CA GLN G 21 6.67 21.42 36.16
C GLN G 21 7.78 20.48 36.59
N ALA G 22 8.93 21.04 36.92
CA ALA G 22 10.11 20.21 37.21
C ALA G 22 9.91 19.14 38.30
N ASN G 23 9.36 19.53 39.44
CA ASN G 23 9.11 18.57 40.50
C ASN G 23 8.10 17.50 40.13
N GLU G 24 7.09 17.89 39.34
CA GLU G 24 6.16 16.89 38.79
C GLU G 24 6.89 15.82 37.96
N VAL G 25 7.79 16.26 37.08
CA VAL G 25 8.63 15.37 36.28
C VAL G 25 9.41 14.44 37.25
N LEU G 26 10.11 15.02 38.22
CA LEU G 26 10.90 14.17 39.11
C LEU G 26 10.02 13.12 39.84
N GLU G 27 8.83 13.54 40.25
CA GLU G 27 7.88 12.64 40.92
C GLU G 27 7.48 11.46 40.03
N HIS G 28 7.16 11.77 38.78
CA HIS G 28 6.82 10.73 37.80
C HIS G 28 8.00 9.78 37.53
N LEU G 29 9.17 10.36 37.32
CA LEU G 29 10.37 9.55 37.14
C LEU G 29 10.66 8.62 38.36
N THR G 30 10.45 9.15 39.55
CA THR G 30 10.59 8.39 40.83
C THR G 30 9.67 7.18 40.90
N ARG G 31 8.40 7.40 40.57
CA ARG G 31 7.45 6.27 40.45
C ARG G 31 8.03 5.17 39.57
N ILE G 32 8.66 5.56 38.46
CA ILE G 32 9.22 4.59 37.48
C ILE G 32 10.44 3.84 38.03
N ALA G 33 11.43 4.60 38.50
CA ALA G 33 12.63 4.02 39.09
C ALA G 33 12.32 3.04 40.21
N LEU G 34 11.39 3.44 41.05
CA LEU G 34 10.94 2.61 42.17
C LEU G 34 10.15 1.33 41.81
N GLY G 35 9.93 1.10 40.54
CA GLY G 35 9.21 -0.08 40.06
C GLY G 35 7.72 -0.10 40.39
N GLN G 36 7.13 1.08 40.53
CA GLN G 36 5.69 1.21 40.82
C GLN G 36 4.83 1.30 39.56
N GLU G 37 5.46 1.41 38.40
CA GLU G 37 4.70 1.68 37.17
C GLU G 37 4.71 0.56 36.13
N LYS G 38 3.68 0.58 35.28
CA LYS G 38 3.60 -0.39 34.22
C LYS G 38 3.48 0.24 32.85
N GLU G 39 3.61 -0.62 31.85
CA GLU G 39 3.34 -0.25 30.49
C GLU G 39 2.55 -1.34 29.79
N GLN G 40 1.75 -0.88 28.84
CA GLN G 40 0.93 -1.76 28.02
C GLN G 40 1.71 -2.26 26.83
N VAL G 41 1.55 -3.54 26.56
CA VAL G 41 2.24 -4.25 25.52
C VAL G 41 1.31 -5.28 24.93
N LEU G 42 1.77 -5.93 23.87
CA LEU G 42 1.03 -7.03 23.23
C LEU G 42 1.74 -8.34 23.59
N GLY G 44 1.49 -12.77 23.22
CA GLY G 44 0.94 -13.93 22.52
C GLY G 44 0.00 -14.78 23.38
N ILE G 45 -1.19 -15.06 22.84
CA ILE G 45 -2.15 -15.92 23.51
C ILE G 45 -2.42 -17.25 22.78
N GLY G 46 -1.80 -17.43 21.62
CA GLY G 46 -1.90 -18.68 20.90
C GLY G 46 -2.15 -18.48 19.42
N LYS G 47 -1.38 -19.21 18.62
CA LYS G 47 -1.58 -19.35 17.17
C LYS G 47 -1.40 -18.04 16.38
N GLY G 48 -0.63 -17.12 16.96
CA GLY G 48 -0.44 -15.79 16.39
C GLY G 48 -1.33 -14.71 17.01
N ALA G 49 -2.36 -15.14 17.72
CA ALA G 49 -3.29 -14.25 18.39
C ALA G 49 -2.55 -13.54 19.49
N GLU G 50 -2.78 -12.25 19.60
CA GLU G 50 -2.18 -11.45 20.66
C GLU G 50 -3.28 -10.74 21.40
N THR G 51 -3.00 -10.40 22.65
CA THR G 51 -3.85 -9.55 23.44
C THR G 51 -3.02 -8.48 24.14
N LYS G 52 -3.70 -7.41 24.54
CA LYS G 52 -3.10 -6.29 25.26
C LYS G 52 -3.01 -6.60 26.76
N THR G 53 -1.91 -6.17 27.37
CA THR G 53 -1.71 -6.49 28.77
C THR G 53 -0.61 -5.60 29.35
N HIS G 54 -0.52 -5.59 30.66
CA HIS G 54 0.38 -4.69 31.32
C HIS G 54 1.53 -5.47 31.90
N VAL G 55 2.68 -4.85 31.77
CA VAL G 55 3.93 -5.43 32.29
C VAL G 55 4.66 -4.39 33.09
N GLU G 56 5.56 -4.84 33.97
CA GLU G 56 6.38 -3.90 34.67
C GLU G 56 7.25 -3.15 33.66
N VAL G 57 7.53 -1.90 34.00
CA VAL G 57 8.47 -1.08 33.25
C VAL G 57 9.84 -1.76 33.33
N SER G 58 10.46 -1.92 32.17
CA SER G 58 11.70 -2.70 31.96
C SER G 58 12.87 -2.09 32.74
N ALA G 59 13.93 -2.88 32.95
CA ALA G 59 15.14 -2.36 33.64
C ALA G 59 15.79 -1.14 32.94
N LYS G 60 15.94 -1.27 31.63
CA LYS G 60 16.46 -0.20 30.76
C LYS G 60 15.79 1.12 31.05
N ASP G 61 14.45 1.10 31.08
CA ASP G 61 13.72 2.32 31.33
C ASP G 61 13.83 2.83 32.78
N ARG G 62 13.81 1.92 33.74
CA ARG G 62 14.02 2.26 35.15
C ARG G 62 15.41 2.93 35.37
N ILE G 63 16.40 2.44 34.67
CA ILE G 63 17.77 3.01 34.76
C ILE G 63 17.84 4.36 34.09
N LYS G 64 17.09 4.57 33.00
CA LYS G 64 17.00 5.90 32.40
C LYS G 64 16.39 6.87 33.40
N ALA G 65 15.29 6.48 34.05
CA ALA G 65 14.67 7.32 35.09
C ALA G 65 15.67 7.56 36.24
N LEU G 66 16.44 6.54 36.59
CA LEU G 66 17.44 6.66 37.70
C LEU G 66 18.50 7.69 37.34
N GLU G 67 19.02 7.56 36.12
CA GLU G 67 20.01 8.48 35.57
C GLU G 67 19.52 9.94 35.67
N LEU G 68 18.33 10.21 35.14
CA LEU G 68 17.76 11.56 35.13
C LEU G 68 17.64 12.12 36.54
N LEU G 69 17.22 11.27 37.47
CA LEU G 69 17.02 11.67 38.86
C LEU G 69 18.37 12.06 39.49
N GLY G 70 19.36 11.29 39.13
CA GLY G 70 20.75 11.53 39.58
C GLY G 70 21.23 12.88 39.07
N LYS G 71 20.78 13.23 37.86
CA LYS G 71 21.17 14.49 37.17
C LYS G 71 20.56 15.73 37.78
N ALA G 72 19.39 15.57 38.41
CA ALA G 72 18.53 16.71 38.76
C ALA G 72 19.16 17.65 39.77
N GLU H 16 5.03 15.25 50.75
CA GLU H 16 3.98 14.19 50.58
C GLU H 16 4.33 13.16 49.49
N LYS H 17 4.59 13.61 48.27
CA LYS H 17 4.98 12.67 47.20
C LYS H 17 6.51 12.52 47.10
N LYS H 18 6.94 11.36 46.65
CA LYS H 18 8.38 10.99 46.75
C LYS H 18 9.21 11.42 45.54
N ILE H 19 10.37 11.99 45.86
CA ILE H 19 11.39 12.28 44.87
C ILE H 19 12.66 11.62 45.36
N LEU H 20 13.12 10.70 44.55
CA LEU H 20 14.29 9.90 44.86
C LEU H 20 15.50 10.80 44.71
N GLN H 21 16.24 10.95 45.81
CA GLN H 21 17.39 11.87 45.90
C GLN H 21 18.66 11.21 45.34
N ALA H 22 19.70 11.99 45.12
CA ALA H 22 20.91 11.50 44.44
C ALA H 22 21.55 10.27 45.13
N ASN H 23 21.77 10.36 46.43
CA ASN H 23 22.32 9.22 47.19
C ASN H 23 21.49 7.94 47.00
N GLU H 24 20.17 8.13 47.00
CA GLU H 24 19.23 7.02 46.93
C GLU H 24 19.38 6.34 45.55
N VAL H 25 19.53 7.17 44.50
CA VAL H 25 19.71 6.63 43.13
C VAL H 25 20.95 5.72 43.08
N LEU H 26 22.03 6.11 43.74
CA LEU H 26 23.25 5.30 43.70
C LEU H 26 23.09 3.92 44.36
N GLU H 27 22.31 3.90 45.44
CA GLU H 27 21.96 2.66 46.11
C GLU H 27 21.20 1.76 45.16
N HIS H 28 20.17 2.28 44.55
CA HIS H 28 19.46 1.46 43.56
C HIS H 28 20.34 0.94 42.41
N LEU H 29 21.06 1.83 41.75
CA LEU H 29 21.99 1.41 40.69
C LEU H 29 22.98 0.33 41.20
N THR H 30 23.32 0.39 42.48
CA THR H 30 24.33 -0.53 43.00
C THR H 30 23.75 -1.92 43.06
N ARG H 31 22.51 -2.02 43.56
CA ARG H 31 21.79 -3.28 43.59
C ARG H 31 21.74 -3.88 42.19
N ILE H 32 21.46 -3.02 41.22
CA ILE H 32 21.38 -3.47 39.82
C ILE H 32 22.74 -4.01 39.35
N ALA H 33 23.78 -3.19 39.53
CA ALA H 33 25.12 -3.56 39.09
C ALA H 33 25.62 -4.87 39.75
N LEU H 34 25.19 -5.13 40.97
CA LEU H 34 25.63 -6.34 41.70
C LEU H 34 24.91 -7.64 41.26
N GLY H 35 23.78 -7.51 40.57
CA GLY H 35 23.00 -8.71 40.13
C GLY H 35 21.86 -9.10 41.06
N GLN H 36 21.40 -8.14 41.84
CA GLN H 36 20.34 -8.33 42.84
C GLN H 36 18.91 -8.08 42.32
N GLU H 37 18.81 -7.60 41.09
CA GLU H 37 17.54 -7.10 40.55
C GLU H 37 17.14 -7.90 39.36
N LYS H 38 15.87 -7.77 38.99
CA LYS H 38 15.28 -8.54 37.91
C LYS H 38 14.27 -7.66 37.19
N GLU H 39 13.84 -8.11 36.02
CA GLU H 39 12.79 -7.42 35.27
C GLU H 39 11.83 -8.43 34.72
N GLN H 40 10.58 -8.00 34.60
CA GLN H 40 9.54 -8.78 33.92
C GLN H 40 9.64 -8.68 32.39
N VAL H 41 9.56 -9.85 31.77
CA VAL H 41 9.64 -10.05 30.31
C VAL H 41 8.62 -11.10 29.88
N LEU H 42 8.32 -11.08 28.60
CA LEU H 42 7.50 -12.14 28.00
C LEU H 42 8.37 -13.31 27.46
N GLY H 44 8.22 -17.26 25.62
CA GLY H 44 7.47 -18.18 24.76
C GLY H 44 7.20 -19.50 25.45
N ILE H 45 5.96 -19.98 25.40
CA ILE H 45 5.61 -21.23 26.06
C ILE H 45 5.10 -22.27 25.09
N GLY H 46 5.09 -21.92 23.81
CA GLY H 46 4.70 -22.86 22.78
C GLY H 46 3.53 -22.38 21.96
N LYS H 47 3.63 -22.61 20.65
CA LYS H 47 2.53 -22.42 19.70
C LYS H 47 1.94 -21.02 19.69
N GLY H 48 2.78 -20.02 19.84
CA GLY H 48 2.33 -18.61 19.85
C GLY H 48 2.00 -18.03 21.22
N ALA H 49 1.94 -18.88 22.24
CA ALA H 49 1.64 -18.46 23.60
C ALA H 49 2.88 -17.89 24.27
N GLU H 50 2.71 -16.79 24.99
CA GLU H 50 3.79 -16.28 25.89
C GLU H 50 3.27 -16.13 27.32
N THR H 51 4.19 -16.07 28.29
CA THR H 51 3.79 -15.83 29.65
C THR H 51 4.76 -14.80 30.26
N LYS H 52 4.30 -14.12 31.30
CA LYS H 52 5.15 -13.15 31.98
C LYS H 52 6.05 -13.89 32.92
N THR H 53 7.27 -13.42 33.06
CA THR H 53 8.15 -14.04 34.02
C THR H 53 9.24 -13.09 34.28
N HIS H 54 10.06 -13.41 35.26
CA HIS H 54 11.20 -12.53 35.56
C HIS H 54 12.52 -13.18 35.21
N VAL H 55 13.42 -12.30 34.82
CA VAL H 55 14.80 -12.65 34.50
C VAL H 55 15.68 -11.61 35.16
N GLU H 56 16.92 -12.00 35.42
CA GLU H 56 17.96 -11.11 35.91
C GLU H 56 18.08 -9.95 34.95
N VAL H 57 18.49 -8.78 35.46
CA VAL H 57 18.77 -7.64 34.60
C VAL H 57 19.99 -7.99 33.72
N SER H 58 19.89 -7.67 32.43
CA SER H 58 20.90 -8.03 31.42
C SER H 58 22.23 -7.35 31.69
N ALA H 59 23.24 -7.84 30.98
CA ALA H 59 24.64 -7.31 31.04
C ALA H 59 24.72 -5.85 30.62
N LYS H 60 24.01 -5.53 29.52
CA LYS H 60 24.09 -4.18 28.98
C LYS H 60 23.58 -3.18 29.99
N ASP H 61 22.53 -3.60 30.70
CA ASP H 61 21.84 -2.73 31.68
C ASP H 61 22.64 -2.61 32.94
N ARG H 62 23.23 -3.72 33.36
CA ARG H 62 24.20 -3.72 34.47
C ARG H 62 25.40 -2.82 34.21
N ILE H 63 25.95 -2.88 33.01
CA ILE H 63 27.11 -2.06 32.59
C ILE H 63 26.72 -0.58 32.58
N LYS H 64 25.48 -0.29 32.17
CA LYS H 64 24.99 1.07 32.28
C LYS H 64 24.96 1.58 33.72
N ALA H 65 24.49 0.77 34.67
CA ALA H 65 24.48 1.12 36.10
C ALA H 65 25.95 1.31 36.54
N LEU H 66 26.82 0.44 36.06
CA LEU H 66 28.27 0.52 36.39
C LEU H 66 28.88 1.85 35.89
N GLU H 67 28.50 2.26 34.69
CA GLU H 67 28.96 3.53 34.12
C GLU H 67 28.54 4.72 34.98
N LEU H 68 27.29 4.69 35.43
CA LEU H 68 26.71 5.80 36.19
C LEU H 68 27.32 5.90 37.60
N LEU H 69 27.59 4.74 38.18
CA LEU H 69 28.22 4.65 39.50
C LEU H 69 29.68 5.09 39.41
N GLY H 70 30.37 4.62 38.38
CA GLY H 70 31.73 5.07 38.00
C GLY H 70 31.91 6.57 37.90
N LYS H 71 30.86 7.28 37.50
CA LYS H 71 30.91 8.73 37.32
C LYS H 71 30.52 9.50 38.60
N ALA H 72 30.33 8.77 39.69
CA ALA H 72 29.94 9.39 40.96
C ALA H 72 31.19 9.77 41.77
N GLU I 16 20.36 5.16 53.74
CA GLU I 16 21.71 4.81 53.26
C GLU I 16 21.88 3.31 53.15
N LYS I 17 22.32 2.87 51.97
CA LYS I 17 22.52 1.44 51.70
C LYS I 17 23.95 1.18 51.21
N LYS I 18 24.08 0.31 50.24
CA LYS I 18 25.38 -0.05 49.68
C LYS I 18 25.61 0.67 48.35
N ILE I 19 26.70 1.42 48.27
CA ILE I 19 27.06 2.15 47.06
C ILE I 19 28.46 1.77 46.58
N LEU I 20 28.53 1.25 45.36
CA LEU I 20 29.83 0.85 44.78
C LEU I 20 30.74 2.06 44.58
N GLN I 21 31.97 1.92 45.03
CA GLN I 21 32.96 2.95 44.78
C GLN I 21 33.54 2.85 43.36
N ALA I 22 34.34 3.84 43.00
CA ALA I 22 34.95 3.95 41.66
C ALA I 22 35.85 2.77 41.26
N ASN I 23 36.61 2.26 42.23
CA ASN I 23 37.44 1.04 42.05
C ASN I 23 36.61 -0.20 41.84
N GLU I 24 35.61 -0.39 42.68
CA GLU I 24 34.79 -1.61 42.64
C GLU I 24 34.09 -1.70 41.26
N VAL I 25 33.71 -0.54 40.74
CA VAL I 25 33.18 -0.44 39.37
C VAL I 25 34.17 -1.03 38.34
N LEU I 26 35.43 -0.60 38.42
CA LEU I 26 36.47 -1.08 37.48
C LEU I 26 36.73 -2.56 37.64
N GLU I 27 36.78 -3.04 38.89
CA GLU I 27 36.92 -4.47 39.17
C GLU I 27 35.80 -5.28 38.46
N HIS I 28 34.58 -4.90 38.71
CA HIS I 28 33.44 -5.52 37.98
C HIS I 28 33.66 -5.46 36.44
N LEU I 29 33.95 -4.29 35.91
CA LEU I 29 34.12 -4.10 34.44
C LEU I 29 35.20 -5.00 33.83
N THR I 30 36.32 -5.12 34.56
CA THR I 30 37.40 -6.02 34.22
C THR I 30 36.96 -7.50 34.12
N ARG I 31 36.17 -7.98 35.07
CA ARG I 31 35.63 -9.36 34.98
C ARG I 31 34.81 -9.56 33.68
N ILE I 32 34.00 -8.55 33.39
CA ILE I 32 33.21 -8.58 32.15
C ILE I 32 34.11 -8.58 30.91
N ALA I 33 35.12 -7.70 30.90
CA ALA I 33 36.00 -7.54 29.74
C ALA I 33 36.85 -8.76 29.52
N LEU I 34 37.13 -9.45 30.63
CA LEU I 34 37.97 -10.65 30.65
C LEU I 34 37.19 -11.93 30.36
N GLY I 35 35.94 -11.79 29.91
CA GLY I 35 35.10 -12.91 29.50
C GLY I 35 34.59 -13.79 30.64
N GLN I 36 34.63 -13.27 31.86
CA GLN I 36 34.27 -14.07 33.04
C GLN I 36 32.78 -14.15 33.34
N GLU I 37 32.03 -13.14 32.95
CA GLU I 37 30.66 -13.03 33.37
C GLU I 37 29.68 -13.57 32.34
N LYS I 38 28.47 -13.80 32.85
CA LYS I 38 27.38 -14.32 32.04
C LYS I 38 26.14 -13.48 32.29
N GLU I 39 25.15 -13.68 31.42
CA GLU I 39 23.86 -13.08 31.64
C GLU I 39 22.78 -14.09 31.28
N GLN I 40 21.62 -13.90 31.89
CA GLN I 40 20.45 -14.77 31.72
C GLN I 40 19.67 -14.31 30.53
N VAL I 41 19.25 -15.27 29.73
CA VAL I 41 18.51 -15.00 28.50
C VAL I 41 17.44 -16.07 28.34
N LEU I 42 16.56 -15.88 27.36
CA LEU I 42 15.63 -16.92 26.93
C LEU I 42 16.16 -17.67 25.70
N GLY I 44 15.23 -21.03 22.90
CA GLY I 44 14.21 -21.88 22.34
C GLY I 44 14.47 -23.34 22.68
N ILE I 45 13.42 -24.04 23.07
CA ILE I 45 13.45 -25.48 23.32
C ILE I 45 12.46 -26.25 22.42
N GLY I 46 11.85 -25.53 21.48
CA GLY I 46 11.01 -26.17 20.50
C GLY I 46 9.62 -25.61 20.51
N LYS I 47 9.06 -25.53 19.31
CA LYS I 47 7.65 -25.25 19.06
C LYS I 47 7.18 -23.94 19.64
N GLY I 48 8.10 -22.99 19.73
CA GLY I 48 7.81 -21.66 20.31
C GLY I 48 8.03 -21.54 21.82
N ALA I 49 8.35 -22.65 22.48
CA ALA I 49 8.51 -22.70 23.91
C ALA I 49 9.95 -22.30 24.17
N GLU I 50 10.17 -21.62 25.27
CA GLU I 50 11.54 -21.16 25.66
C GLU I 50 11.90 -21.52 27.10
N THR I 51 13.17 -21.41 27.43
CA THR I 51 13.63 -21.64 28.80
C THR I 51 14.71 -20.64 29.12
N LYS I 52 14.84 -20.36 30.42
CA LYS I 52 15.87 -19.49 30.93
C LYS I 52 17.22 -20.23 30.91
N THR I 53 18.22 -19.55 30.41
CA THR I 53 19.57 -20.07 30.41
C THR I 53 20.55 -18.92 30.50
N HIS I 54 21.76 -19.21 30.96
CA HIS I 54 22.84 -18.23 30.92
C HIS I 54 23.80 -18.41 29.74
N VAL I 55 24.31 -17.27 29.30
CA VAL I 55 25.23 -17.20 28.17
C VAL I 55 26.36 -16.23 28.50
N GLU I 56 27.50 -16.41 27.83
CA GLU I 56 28.62 -15.49 28.00
C GLU I 56 28.17 -14.04 27.69
N VAL I 57 28.59 -13.06 28.49
CA VAL I 57 28.38 -11.66 28.09
C VAL I 57 28.96 -11.41 26.69
N SER I 58 28.13 -10.78 25.85
CA SER I 58 28.41 -10.48 24.44
C SER I 58 29.60 -9.58 24.22
N ALA I 59 30.14 -9.70 23.01
CA ALA I 59 31.22 -8.87 22.48
C ALA I 59 30.90 -7.40 22.66
N LYS I 60 29.70 -7.01 22.25
CA LYS I 60 29.32 -5.62 22.36
C LYS I 60 29.49 -5.14 23.82
N ASP I 61 29.08 -5.94 24.81
CA ASP I 61 28.97 -5.48 26.17
C ASP I 61 30.38 -5.46 26.79
N ARG I 62 31.17 -6.44 26.36
CA ARG I 62 32.63 -6.49 26.72
C ARG I 62 33.41 -5.28 26.15
N ILE I 63 33.07 -4.85 24.95
CA ILE I 63 33.71 -3.70 24.31
C ILE I 63 33.38 -2.40 25.05
N LYS I 64 32.12 -2.25 25.45
CA LYS I 64 31.73 -1.12 26.33
C LYS I 64 32.57 -1.09 27.62
N ALA I 65 32.70 -2.25 28.24
CA ALA I 65 33.44 -2.38 29.48
C ALA I 65 34.89 -1.97 29.23
N LEU I 66 35.44 -2.41 28.10
CA LEU I 66 36.84 -2.12 27.74
C LEU I 66 37.00 -0.63 27.59
N GLU I 67 36.06 -0.03 26.85
CA GLU I 67 35.94 1.42 26.72
C GLU I 67 35.99 2.18 28.07
N LEU I 68 35.15 1.76 29.02
CA LEU I 68 35.05 2.40 30.31
C LEU I 68 36.38 2.27 31.05
N LEU I 69 36.95 1.09 30.92
CA LEU I 69 38.28 0.83 31.52
C LEU I 69 39.39 1.63 30.84
N GLY I 70 39.20 1.91 29.56
CA GLY I 70 40.15 2.68 28.74
C GLY I 70 40.13 4.15 29.07
N LYS I 71 38.95 4.65 29.42
CA LYS I 71 38.73 6.05 29.77
C LYS I 71 39.02 6.37 31.25
N ALA I 72 39.30 5.32 32.04
CA ALA I 72 39.42 5.43 33.48
C ALA I 72 40.72 6.13 33.90
N ASN J 15 -43.84 -13.89 -47.55
CA ASN J 15 -44.02 -13.96 -46.07
C ASN J 15 -43.55 -12.67 -45.47
N GLU J 16 -44.47 -11.97 -44.80
CA GLU J 16 -44.15 -10.69 -44.16
C GLU J 16 -43.52 -10.99 -42.81
N LYS J 17 -42.21 -10.81 -42.73
CA LYS J 17 -41.49 -11.15 -41.51
C LYS J 17 -42.01 -10.32 -40.32
N LYS J 18 -42.20 -11.01 -39.20
CA LYS J 18 -42.74 -10.38 -37.99
C LYS J 18 -41.86 -9.22 -37.49
N ILE J 19 -42.50 -8.07 -37.29
CA ILE J 19 -41.92 -6.97 -36.52
C ILE J 19 -42.80 -6.75 -35.27
N LEU J 20 -42.20 -6.76 -34.08
CA LEU J 20 -42.91 -6.41 -32.82
C LEU J 20 -43.47 -4.99 -32.85
N GLN J 21 -44.69 -4.83 -32.38
CA GLN J 21 -45.31 -3.51 -32.29
C GLN J 21 -45.00 -2.89 -30.92
N ALA J 22 -45.18 -1.58 -30.78
CA ALA J 22 -44.97 -0.90 -29.48
C ALA J 22 -45.66 -1.60 -28.30
N ASN J 23 -46.92 -1.99 -28.51
CA ASN J 23 -47.77 -2.70 -27.50
C ASN J 23 -47.17 -4.01 -27.01
N GLU J 24 -46.66 -4.75 -27.99
CA GLU J 24 -46.08 -6.06 -27.78
C GLU J 24 -44.77 -5.91 -27.02
N VAL J 25 -44.09 -4.80 -27.28
CA VAL J 25 -42.84 -4.45 -26.61
C VAL J 25 -43.07 -4.26 -25.10
N LEU J 26 -44.09 -3.48 -24.72
CA LEU J 26 -44.36 -3.24 -23.28
C LEU J 26 -44.82 -4.49 -22.55
N GLU J 27 -45.58 -5.32 -23.25
CA GLU J 27 -45.94 -6.63 -22.72
C GLU J 27 -44.71 -7.47 -22.39
N HIS J 28 -43.73 -7.51 -23.30
CA HIS J 28 -42.47 -8.30 -23.13
C HIS J 28 -41.58 -7.71 -22.03
N LEU J 29 -41.57 -6.38 -22.01
CA LEU J 29 -40.89 -5.59 -20.97
C LEU J 29 -41.56 -5.79 -19.64
N THR J 30 -42.88 -5.88 -19.64
CA THR J 30 -43.62 -6.11 -18.40
C THR J 30 -43.30 -7.45 -17.72
N ARG J 31 -43.11 -8.49 -18.51
CA ARG J 31 -42.89 -9.83 -17.96
C ARG J 31 -41.53 -9.77 -17.26
N ILE J 32 -40.65 -9.04 -17.91
CA ILE J 32 -39.22 -8.94 -17.46
C ILE J 32 -39.15 -8.19 -16.12
N ALA J 33 -39.86 -7.06 -16.05
CA ALA J 33 -39.93 -6.23 -14.84
C ALA J 33 -40.48 -6.97 -13.64
N LEU J 34 -41.47 -7.82 -13.91
CA LEU J 34 -42.22 -8.54 -12.87
C LEU J 34 -41.50 -9.78 -12.33
N GLY J 35 -40.30 -10.06 -12.84
CA GLY J 35 -39.49 -11.20 -12.38
C GLY J 35 -39.89 -12.55 -12.96
N GLN J 36 -40.68 -12.52 -14.02
CA GLN J 36 -41.21 -13.72 -14.64
C GLN J 36 -40.25 -14.42 -15.60
N GLU J 37 -39.27 -13.67 -16.09
CA GLU J 37 -38.36 -14.15 -17.14
C GLU J 37 -37.02 -14.66 -16.60
N LYS J 38 -36.31 -15.38 -17.46
CA LYS J 38 -34.97 -15.95 -17.17
C LYS J 38 -33.99 -15.73 -18.31
N GLU J 39 -32.72 -15.98 -18.02
CA GLU J 39 -31.67 -15.86 -19.03
C GLU J 39 -30.67 -17.00 -18.86
N GLN J 40 -30.13 -17.46 -19.98
CA GLN J 40 -29.15 -18.57 -19.98
C GLN J 40 -27.76 -18.01 -19.67
N VAL J 41 -27.10 -18.61 -18.70
CA VAL J 41 -25.73 -18.25 -18.32
C VAL J 41 -24.89 -19.50 -18.21
N LEU J 42 -23.63 -19.32 -17.87
CA LEU J 42 -22.73 -20.43 -17.62
C LEU J 42 -22.47 -20.53 -16.12
N GLY J 44 -20.39 -22.71 -13.01
CA GLY J 44 -19.36 -23.66 -12.65
C GLY J 44 -19.96 -24.91 -12.05
N ILE J 45 -19.40 -26.05 -12.44
CA ILE J 45 -19.78 -27.35 -11.88
C ILE J 45 -18.61 -28.05 -11.15
N GLY J 46 -17.44 -27.44 -11.24
CA GLY J 46 -16.27 -27.95 -10.53
C GLY J 46 -15.06 -28.03 -11.46
N LYS J 47 -13.92 -27.71 -10.88
CA LYS J 47 -12.59 -27.83 -11.50
C LYS J 47 -12.45 -27.17 -12.87
N GLY J 48 -13.23 -26.10 -13.07
CA GLY J 48 -13.24 -25.32 -14.30
C GLY J 48 -14.43 -25.64 -15.22
N ALA J 49 -14.90 -26.88 -15.15
CA ALA J 49 -16.06 -27.29 -15.97
C ALA J 49 -17.24 -26.43 -15.64
N GLU J 50 -17.98 -26.08 -16.70
CA GLU J 50 -19.18 -25.25 -16.57
C GLU J 50 -20.33 -25.93 -17.27
N THR J 51 -21.54 -25.50 -16.93
CA THR J 51 -22.73 -25.98 -17.63
C THR J 51 -23.67 -24.82 -17.91
N LYS J 52 -24.48 -24.99 -18.94
CA LYS J 52 -25.54 -24.04 -19.26
C LYS J 52 -26.65 -24.16 -18.22
N THR J 53 -27.17 -23.02 -17.76
CA THR J 53 -28.27 -23.01 -16.80
C THR J 53 -29.02 -21.69 -16.85
N HIS J 54 -30.27 -21.74 -16.39
CA HIS J 54 -31.12 -20.56 -16.42
C HIS J 54 -31.20 -19.94 -15.05
N VAL J 55 -30.98 -18.64 -15.04
CA VAL J 55 -31.12 -17.83 -13.85
C VAL J 55 -32.17 -16.73 -14.10
N GLU J 56 -32.70 -16.19 -13.01
CA GLU J 56 -33.63 -15.06 -13.07
C GLU J 56 -32.97 -13.91 -13.84
N VAL J 57 -33.78 -13.03 -14.41
CA VAL J 57 -33.24 -11.80 -15.00
C VAL J 57 -32.78 -10.93 -13.82
N SER J 58 -31.59 -10.35 -13.95
CA SER J 58 -31.02 -9.49 -12.89
C SER J 58 -31.85 -8.23 -12.60
N ALA J 59 -31.63 -7.69 -11.40
CA ALA J 59 -32.30 -6.46 -10.95
C ALA J 59 -31.98 -5.28 -11.87
N LYS J 60 -30.71 -5.14 -12.25
CA LYS J 60 -30.28 -4.07 -13.20
C LYS J 60 -31.09 -4.09 -14.51
N ASP J 61 -31.18 -5.27 -15.10
CA ASP J 61 -31.98 -5.43 -16.33
C ASP J 61 -33.47 -5.20 -16.09
N ARG J 62 -33.99 -5.81 -15.01
CA ARG J 62 -35.40 -5.57 -14.55
C ARG J 62 -35.68 -4.04 -14.39
N ILE J 63 -34.71 -3.31 -13.84
CA ILE J 63 -34.83 -1.85 -13.65
C ILE J 63 -34.89 -1.07 -14.97
N LYS J 64 -34.12 -1.49 -15.97
CA LYS J 64 -34.10 -0.85 -17.27
C LYS J 64 -35.48 -1.03 -17.91
N ALA J 65 -36.05 -2.22 -17.77
CA ALA J 65 -37.42 -2.55 -18.32
C ALA J 65 -38.47 -1.68 -17.64
N LEU J 66 -38.38 -1.56 -16.33
CA LEU J 66 -39.22 -0.65 -15.53
C LEU J 66 -39.13 0.82 -15.97
N GLU J 67 -37.89 1.27 -16.18
CA GLU J 67 -37.60 2.61 -16.69
C GLU J 67 -38.30 2.81 -18.04
N LEU J 68 -38.06 1.87 -18.95
CA LEU J 68 -38.70 1.87 -20.29
C LEU J 68 -40.22 1.83 -20.20
N LEU J 69 -40.79 1.01 -19.33
CA LEU J 69 -42.26 1.05 -19.13
C LEU J 69 -42.73 2.43 -18.62
N GLY J 70 -41.91 3.05 -17.78
CA GLY J 70 -42.26 4.32 -17.16
C GLY J 70 -42.16 5.53 -18.06
N LYS J 71 -41.46 5.38 -19.18
CA LYS J 71 -41.32 6.42 -20.21
C LYS J 71 -42.12 6.08 -21.50
N ALA J 72 -42.93 5.02 -21.44
CA ALA J 72 -43.76 4.62 -22.58
C ALA J 72 -44.87 5.62 -22.83
N LYS K 17 -53.20 -9.46 -22.18
CA LYS K 17 -52.01 -9.58 -21.29
C LYS K 17 -51.80 -8.26 -20.52
N LYS K 18 -50.78 -8.24 -19.66
CA LYS K 18 -50.49 -7.11 -18.76
C LYS K 18 -49.38 -6.12 -19.20
N ILE K 19 -49.66 -4.85 -18.91
CA ILE K 19 -48.68 -3.77 -19.05
C ILE K 19 -48.64 -2.91 -17.79
N LEU K 20 -47.45 -2.80 -17.19
CA LEU K 20 -47.26 -1.89 -16.06
C LEU K 20 -47.31 -0.42 -16.50
N GLN K 21 -48.20 0.31 -15.86
CA GLN K 21 -48.27 1.73 -15.98
C GLN K 21 -47.22 2.43 -15.13
N ALA K 22 -47.00 3.69 -15.48
CA ALA K 22 -46.00 4.53 -14.80
C ALA K 22 -46.05 4.36 -13.28
N ASN K 23 -47.24 4.35 -12.71
CA ASN K 23 -47.37 4.27 -11.24
C ASN K 23 -46.94 2.90 -10.70
N GLU K 24 -47.32 1.86 -11.41
CA GLU K 24 -46.96 0.48 -11.03
C GLU K 24 -45.43 0.38 -11.02
N VAL K 25 -44.80 0.96 -12.05
CA VAL K 25 -43.32 1.06 -12.16
C VAL K 25 -42.69 1.68 -10.93
N LEU K 26 -43.25 2.78 -10.48
CA LEU K 26 -42.75 3.51 -9.28
C LEU K 26 -42.89 2.69 -7.98
N GLU K 27 -43.98 1.94 -7.85
CA GLU K 27 -44.21 1.04 -6.71
C GLU K 27 -43.17 -0.07 -6.69
N HIS K 28 -42.86 -0.62 -7.86
CA HIS K 28 -41.79 -1.67 -7.95
C HIS K 28 -40.44 -1.09 -7.66
N LEU K 29 -40.15 0.05 -8.26
CA LEU K 29 -38.87 0.76 -7.99
C LEU K 29 -38.73 1.12 -6.50
N THR K 30 -39.85 1.45 -5.86
CA THR K 30 -39.90 1.77 -4.42
C THR K 30 -39.46 0.58 -3.54
N ARG K 31 -39.99 -0.60 -3.82
CA ARG K 31 -39.61 -1.81 -3.09
C ARG K 31 -38.10 -2.07 -3.21
N ILE K 32 -37.59 -1.91 -4.43
CA ILE K 32 -36.15 -2.03 -4.73
C ILE K 32 -35.40 -0.96 -3.93
N ALA K 33 -35.88 0.29 -4.04
CA ALA K 33 -35.26 1.44 -3.36
C ALA K 33 -35.16 1.28 -1.85
N LEU K 34 -36.14 0.60 -1.26
CA LEU K 34 -36.21 0.42 0.21
C LEU K 34 -35.51 -0.85 0.72
N GLY K 35 -34.62 -1.42 -0.12
CA GLY K 35 -33.84 -2.62 0.26
C GLY K 35 -34.67 -3.85 0.58
N GLN K 36 -35.88 -3.89 0.01
CA GLN K 36 -36.85 -4.96 0.26
C GLN K 36 -36.57 -6.20 -0.61
N GLU K 37 -35.90 -5.94 -1.74
CA GLU K 37 -35.86 -6.88 -2.86
C GLU K 37 -34.53 -7.57 -3.06
N LYS K 38 -34.58 -8.67 -3.78
CA LYS K 38 -33.38 -9.49 -4.03
C LYS K 38 -33.22 -9.85 -5.50
N GLU K 39 -32.02 -10.30 -5.83
CA GLU K 39 -31.75 -10.93 -7.12
C GLU K 39 -31.03 -12.27 -6.96
N GLN K 40 -31.19 -13.10 -7.99
CA GLN K 40 -30.49 -14.36 -8.08
C GLN K 40 -29.13 -14.17 -8.74
N VAL K 41 -28.13 -14.75 -8.07
CA VAL K 41 -26.76 -14.76 -8.51
C VAL K 41 -26.18 -16.17 -8.34
N LEU K 42 -25.03 -16.39 -8.98
CA LEU K 42 -24.20 -17.60 -8.83
C LEU K 42 -23.12 -17.33 -7.77
N GLY K 44 -19.74 -19.11 -5.52
CA GLY K 44 -18.80 -20.19 -5.46
C GLY K 44 -19.05 -20.99 -4.20
N ILE K 45 -18.97 -22.30 -4.31
CA ILE K 45 -19.28 -23.21 -3.17
C ILE K 45 -18.17 -24.19 -2.88
N GLY K 46 -17.09 -24.09 -3.65
CA GLY K 46 -15.86 -24.82 -3.41
C GLY K 46 -15.36 -25.52 -4.65
N LYS K 47 -14.05 -25.50 -4.83
CA LYS K 47 -13.38 -26.28 -5.88
C LYS K 47 -13.89 -25.99 -7.31
N GLY K 48 -14.21 -24.73 -7.54
CA GLY K 48 -14.69 -24.22 -8.84
C GLY K 48 -16.18 -24.32 -9.09
N ALA K 49 -16.89 -24.98 -8.18
CA ALA K 49 -18.32 -25.22 -8.36
C ALA K 49 -19.08 -23.99 -7.91
N GLU K 50 -20.26 -23.80 -8.51
CA GLU K 50 -21.16 -22.72 -8.15
C GLU K 50 -22.57 -23.18 -7.84
N THR K 51 -23.27 -22.32 -7.14
CA THR K 51 -24.67 -22.54 -6.83
C THR K 51 -25.46 -21.27 -6.99
N LYS K 52 -26.74 -21.45 -7.24
CA LYS K 52 -27.65 -20.31 -7.39
C LYS K 52 -28.28 -19.91 -6.06
N THR K 53 -28.01 -18.68 -5.65
CA THR K 53 -28.54 -18.11 -4.40
C THR K 53 -29.15 -16.73 -4.66
N HIS K 54 -29.70 -16.15 -3.60
CA HIS K 54 -30.23 -14.79 -3.63
C HIS K 54 -29.49 -13.83 -2.70
N VAL K 55 -29.14 -12.66 -3.24
CA VAL K 55 -28.51 -11.57 -2.52
C VAL K 55 -29.40 -10.35 -2.59
N GLU K 56 -29.22 -9.44 -1.64
CA GLU K 56 -29.87 -8.15 -1.68
C GLU K 56 -29.53 -7.50 -3.00
N VAL K 57 -30.51 -6.76 -3.50
CA VAL K 57 -30.25 -5.86 -4.59
C VAL K 57 -29.20 -4.84 -4.19
N SER K 58 -28.27 -4.63 -5.10
CA SER K 58 -27.09 -3.78 -4.90
C SER K 58 -27.42 -2.30 -4.75
N ALA K 59 -26.45 -1.59 -4.18
CA ALA K 59 -26.54 -0.18 -4.05
C ALA K 59 -26.62 0.54 -5.39
N LYS K 60 -25.90 0.07 -6.40
CA LYS K 60 -25.92 0.74 -7.70
C LYS K 60 -27.36 0.69 -8.26
N ASP K 61 -27.97 -0.45 -8.06
CA ASP K 61 -29.36 -0.66 -8.58
C ASP K 61 -30.38 0.12 -7.76
N ARG K 62 -30.22 0.15 -6.45
CA ARG K 62 -31.10 0.97 -5.57
C ARG K 62 -30.99 2.45 -5.84
N ILE K 63 -29.80 2.90 -6.20
CA ILE K 63 -29.58 4.32 -6.48
C ILE K 63 -30.19 4.71 -7.80
N LYS K 64 -30.13 3.78 -8.76
CA LYS K 64 -30.85 3.97 -10.04
C LYS K 64 -32.35 4.04 -9.79
N ALA K 65 -32.87 3.18 -8.92
CA ALA K 65 -34.29 3.25 -8.52
C ALA K 65 -34.63 4.60 -7.85
N LEU K 66 -33.77 5.05 -6.93
CA LEU K 66 -33.96 6.35 -6.25
C LEU K 66 -33.92 7.52 -7.23
N GLU K 67 -33.10 7.37 -8.26
CA GLU K 67 -32.97 8.35 -9.33
C GLU K 67 -34.28 8.48 -10.12
N LEU K 68 -34.74 7.35 -10.62
CA LEU K 68 -36.00 7.30 -11.39
C LEU K 68 -37.19 7.83 -10.59
N LEU K 69 -37.26 7.37 -9.33
CA LEU K 69 -38.23 7.87 -8.35
C LEU K 69 -38.15 9.40 -8.15
N GLY K 70 -36.96 9.95 -8.33
CA GLY K 70 -36.75 11.40 -8.17
C GLY K 70 -37.17 12.22 -9.39
N LYS K 71 -36.97 11.63 -10.55
CA LYS K 71 -37.37 12.19 -11.84
C LYS K 71 -38.90 12.07 -12.06
N ALA K 72 -39.55 11.32 -11.19
CA ALA K 72 -40.99 11.07 -11.29
C ALA K 72 -41.81 12.37 -11.15
N LYS L 17 -48.74 -0.24 -3.09
CA LYS L 17 -49.44 1.07 -3.07
C LYS L 17 -48.56 2.23 -2.56
N LYS L 18 -47.34 1.90 -2.15
CA LYS L 18 -46.43 2.86 -1.55
C LYS L 18 -45.39 3.30 -2.58
N ILE L 19 -45.34 4.61 -2.82
CA ILE L 19 -44.39 5.22 -3.75
C ILE L 19 -43.48 6.21 -3.03
N LEU L 20 -42.17 6.02 -3.15
CA LEU L 20 -41.20 6.92 -2.51
C LEU L 20 -41.29 8.33 -3.13
N GLN L 21 -41.49 9.33 -2.29
CA GLN L 21 -41.61 10.72 -2.76
C GLN L 21 -40.30 11.54 -2.62
N ALA L 22 -40.36 12.76 -3.17
CA ALA L 22 -39.20 13.66 -3.34
C ALA L 22 -38.17 13.72 -2.22
N ASN L 23 -38.61 14.15 -1.04
CA ASN L 23 -37.72 14.33 0.13
C ASN L 23 -37.11 13.03 0.57
N GLU L 24 -37.98 12.04 0.64
CA GLU L 24 -37.62 10.71 1.11
C GLU L 24 -36.55 10.09 0.20
N VAL L 25 -36.69 10.26 -1.11
CA VAL L 25 -35.61 9.92 -2.06
C VAL L 25 -34.33 10.61 -1.69
N LEU L 26 -34.42 11.93 -1.49
CA LEU L 26 -33.25 12.71 -1.10
C LEU L 26 -32.67 12.29 0.26
N GLU L 27 -33.53 11.87 1.19
CA GLU L 27 -33.07 11.37 2.48
C GLU L 27 -32.25 10.10 2.34
N HIS L 28 -32.69 9.20 1.44
CA HIS L 28 -32.02 7.89 1.30
C HIS L 28 -30.66 8.09 0.65
N LEU L 29 -30.63 9.01 -0.32
CA LEU L 29 -29.44 9.33 -1.11
C LEU L 29 -28.39 9.92 -0.18
N THR L 30 -28.82 10.81 0.71
CA THR L 30 -27.95 11.41 1.77
C THR L 30 -27.33 10.39 2.68
N ARG L 31 -28.14 9.48 3.23
CA ARG L 31 -27.62 8.37 4.08
C ARG L 31 -26.51 7.60 3.36
N ILE L 32 -26.78 7.31 2.09
CA ILE L 32 -25.82 6.72 1.17
C ILE L 32 -24.55 7.54 1.02
N ALA L 33 -24.74 8.84 0.77
CA ALA L 33 -23.59 9.73 0.52
C ALA L 33 -22.71 9.96 1.77
N LEU L 34 -23.37 9.97 2.92
CA LEU L 34 -22.71 10.14 4.22
C LEU L 34 -22.01 8.89 4.76
N GLY L 35 -22.00 7.84 3.96
CA GLY L 35 -21.29 6.61 4.31
C GLY L 35 -21.98 5.79 5.38
N GLN L 36 -23.31 5.91 5.41
CA GLN L 36 -24.14 5.28 6.46
C GLN L 36 -24.78 3.96 6.01
N GLU L 37 -24.55 3.59 4.76
CA GLU L 37 -25.20 2.43 4.20
C GLU L 37 -24.24 1.35 3.76
N LYS L 38 -24.77 0.14 3.69
CA LYS L 38 -24.01 -1.02 3.26
C LYS L 38 -24.73 -1.76 2.13
N GLU L 39 -23.99 -2.64 1.45
CA GLU L 39 -24.58 -3.55 0.46
C GLU L 39 -24.01 -4.94 0.69
N GLN L 40 -24.81 -5.91 0.32
CA GLN L 40 -24.47 -7.30 0.42
C GLN L 40 -23.77 -7.76 -0.85
N VAL L 41 -22.59 -8.34 -0.64
CA VAL L 41 -21.75 -8.88 -1.69
C VAL L 41 -21.22 -10.30 -1.30
N LEU L 42 -20.71 -11.02 -2.28
CA LEU L 42 -20.05 -12.32 -2.09
C LEU L 42 -18.55 -12.11 -1.87
N GLY L 44 -14.75 -14.20 -0.81
CA GLY L 44 -14.08 -15.51 -0.77
C GLY L 44 -13.72 -15.95 0.65
N ILE L 45 -13.86 -17.24 0.90
CA ILE L 45 -13.45 -17.84 2.16
C ILE L 45 -12.53 -19.03 1.98
N GLY L 46 -12.03 -19.20 0.77
CA GLY L 46 -11.04 -20.23 0.50
C GLY L 46 -11.50 -21.32 -0.44
N LYS L 47 -10.58 -21.69 -1.33
CA LYS L 47 -10.69 -22.90 -2.13
C LYS L 47 -11.96 -22.86 -2.99
N GLY L 48 -12.26 -21.66 -3.48
CA GLY L 48 -13.44 -21.41 -4.33
C GLY L 48 -14.62 -20.83 -3.57
N ALA L 49 -14.88 -21.41 -2.39
CA ALA L 49 -16.06 -21.09 -1.58
C ALA L 49 -16.21 -19.61 -1.25
N GLU L 50 -17.46 -19.14 -1.40
CA GLU L 50 -17.83 -17.77 -1.10
C GLU L 50 -18.85 -17.76 0.02
N THR L 51 -19.06 -16.58 0.58
CA THR L 51 -20.08 -16.31 1.58
C THR L 51 -20.58 -14.88 1.39
N LYS L 52 -21.88 -14.71 1.68
CA LYS L 52 -22.49 -13.40 1.80
C LYS L 52 -21.89 -12.58 2.94
N THR L 53 -21.59 -11.33 2.64
CA THR L 53 -21.19 -10.39 3.67
C THR L 53 -21.69 -9.00 3.30
N HIS L 54 -21.83 -8.11 4.28
CA HIS L 54 -22.05 -6.67 4.03
C HIS L 54 -20.76 -5.84 4.01
N VAL L 55 -20.69 -4.92 3.05
CA VAL L 55 -19.56 -4.00 2.87
C VAL L 55 -20.15 -2.60 2.76
N GLU L 56 -19.34 -1.57 3.00
CA GLU L 56 -19.82 -0.19 2.83
C GLU L 56 -20.16 0.04 1.36
N VAL L 57 -21.05 1.00 1.11
CA VAL L 57 -21.32 1.44 -0.26
C VAL L 57 -20.10 2.12 -0.85
N SER L 58 -19.76 1.70 -2.06
CA SER L 58 -18.49 2.10 -2.71
C SER L 58 -18.50 3.58 -3.06
N ALA L 59 -17.31 4.11 -3.29
CA ALA L 59 -17.13 5.50 -3.67
C ALA L 59 -17.94 5.89 -4.91
N LYS L 60 -17.91 5.04 -5.92
CA LYS L 60 -18.60 5.32 -7.18
C LYS L 60 -20.07 5.60 -6.92
N ASP L 61 -20.71 4.78 -6.12
CA ASP L 61 -22.13 4.94 -5.76
C ASP L 61 -22.41 6.16 -4.88
N ARG L 62 -21.51 6.39 -3.92
CA ARG L 62 -21.57 7.59 -3.08
C ARG L 62 -21.50 8.83 -3.95
N ILE L 63 -20.61 8.80 -4.92
CA ILE L 63 -20.46 9.90 -5.85
C ILE L 63 -21.77 10.08 -6.69
N LYS L 64 -22.35 9.01 -7.24
CA LYS L 64 -23.64 9.16 -7.99
C LYS L 64 -24.71 9.80 -7.08
N ALA L 65 -24.83 9.32 -5.84
CA ALA L 65 -25.76 9.92 -4.85
C ALA L 65 -25.50 11.41 -4.63
N LEU L 66 -24.23 11.75 -4.33
CA LEU L 66 -23.77 13.16 -4.22
C LEU L 66 -24.16 14.02 -5.39
N GLU L 67 -24.05 13.44 -6.59
CA GLU L 67 -24.39 14.12 -7.85
C GLU L 67 -25.90 14.38 -7.97
N LEU L 68 -26.70 13.42 -7.55
CA LEU L 68 -28.15 13.60 -7.59
C LEU L 68 -28.61 14.64 -6.55
N LEU L 69 -27.94 14.62 -5.40
CA LEU L 69 -28.21 15.55 -4.32
C LEU L 69 -27.92 17.00 -4.74
N GLY L 70 -26.80 17.16 -5.44
CA GLY L 70 -26.38 18.47 -6.01
C GLY L 70 -27.36 19.02 -7.04
N LYS L 71 -27.92 18.11 -7.84
CA LYS L 71 -28.93 18.43 -8.87
C LYS L 71 -30.25 18.93 -8.27
N ALA L 72 -30.51 18.58 -7.01
CA ALA L 72 -31.71 19.02 -6.27
C ALA L 72 -31.73 20.53 -6.00
N GLU M 16 -32.04 9.29 8.85
CA GLU M 16 -32.83 10.35 9.53
C GLU M 16 -33.58 11.21 8.48
N LYS M 17 -34.03 12.37 8.92
CA LYS M 17 -34.62 13.39 8.04
C LYS M 17 -33.58 14.28 7.35
N LYS M 18 -32.30 14.08 7.68
CA LYS M 18 -31.23 14.88 7.06
C LYS M 18 -31.19 14.69 5.52
N ILE M 19 -31.08 15.82 4.82
CA ILE M 19 -30.78 15.86 3.40
C ILE M 19 -29.58 16.79 3.18
N LEU M 20 -28.56 16.28 2.48
CA LEU M 20 -27.36 17.06 2.09
C LEU M 20 -27.71 18.27 1.22
N GLN M 21 -27.32 19.45 1.68
CA GLN M 21 -27.48 20.70 0.89
C GLN M 21 -26.35 20.87 -0.16
N ALA M 22 -26.49 21.86 -1.04
CA ALA M 22 -25.58 22.06 -2.21
C ALA M 22 -24.09 22.13 -1.86
N ASN M 23 -23.81 22.94 -0.88
CA ASN M 23 -22.42 23.15 -0.45
C ASN M 23 -21.86 21.97 0.28
N GLU M 24 -22.71 21.33 1.08
CA GLU M 24 -22.31 20.06 1.71
C GLU M 24 -21.87 19.05 0.62
N VAL M 25 -22.64 18.98 -0.47
CA VAL M 25 -22.27 18.10 -1.59
C VAL M 25 -20.87 18.45 -2.15
N LEU M 26 -20.60 19.74 -2.30
CA LEU M 26 -19.33 20.20 -2.87
C LEU M 26 -18.18 19.93 -1.93
N GLU M 27 -18.45 20.07 -0.65
CA GLU M 27 -17.45 19.80 0.40
C GLU M 27 -17.02 18.31 0.37
N HIS M 28 -17.99 17.40 0.27
CA HIS M 28 -17.69 15.97 0.22
C HIS M 28 -17.00 15.57 -1.10
N LEU M 29 -17.47 16.11 -2.22
CA LEU M 29 -16.79 15.94 -3.53
C LEU M 29 -15.32 16.43 -3.46
N THR M 30 -15.12 17.53 -2.76
CA THR M 30 -13.79 18.16 -2.61
C THR M 30 -12.82 17.25 -1.89
N ARG M 31 -13.23 16.74 -0.74
CA ARG M 31 -12.46 15.69 -0.01
C ARG M 31 -12.10 14.52 -0.93
N ILE M 32 -13.09 14.06 -1.71
CA ILE M 32 -12.83 12.97 -2.66
C ILE M 32 -11.80 13.37 -3.73
N ALA M 33 -12.04 14.51 -4.37
CA ALA M 33 -11.17 15.03 -5.44
C ALA M 33 -9.69 15.14 -5.00
N LEU M 34 -9.49 15.61 -3.79
CA LEU M 34 -8.14 15.89 -3.26
C LEU M 34 -7.41 14.68 -2.71
N GLY M 35 -8.04 13.51 -2.79
CA GLY M 35 -7.40 12.25 -2.34
C GLY M 35 -7.48 11.94 -0.84
N GLN M 36 -8.42 12.56 -0.14
CA GLN M 36 -8.56 12.40 1.32
C GLN M 36 -9.35 11.16 1.76
N GLU M 37 -10.15 10.62 0.86
CA GLU M 37 -11.10 9.58 1.22
C GLU M 37 -10.68 8.19 0.77
N LYS M 38 -11.35 7.19 1.33
CA LYS M 38 -11.14 5.80 0.98
C LYS M 38 -12.46 5.08 0.75
N GLU M 39 -12.34 3.91 0.13
CA GLU M 39 -13.48 2.96 0.05
C GLU M 39 -13.07 1.56 0.50
N GLN M 40 -14.04 0.82 1.07
CA GLN M 40 -13.82 -0.58 1.47
C GLN M 40 -13.94 -1.52 0.28
N VAL M 41 -12.97 -2.42 0.13
CA VAL M 41 -12.94 -3.39 -0.98
C VAL M 41 -12.52 -4.78 -0.49
N LEU M 42 -12.69 -5.80 -1.33
CA LEU M 42 -12.23 -7.15 -0.96
C LEU M 42 -10.84 -7.43 -1.55
N GLY M 44 -7.58 -10.22 -1.68
CA GLY M 44 -7.13 -11.60 -1.53
C GLY M 44 -6.08 -11.73 -0.41
N ILE M 45 -6.23 -12.78 0.39
CA ILE M 45 -5.23 -13.11 1.48
C ILE M 45 -4.67 -14.53 1.37
N GLY M 46 -5.05 -15.24 0.33
CA GLY M 46 -4.50 -16.55 0.04
C GLY M 46 -5.52 -17.65 -0.12
N LYS M 47 -5.29 -18.45 -1.17
CA LYS M 47 -6.01 -19.70 -1.47
C LYS M 47 -7.47 -19.44 -1.76
N GLY M 48 -7.72 -18.20 -2.17
CA GLY M 48 -9.05 -17.67 -2.51
C GLY M 48 -9.81 -16.97 -1.39
N ALA M 49 -9.34 -17.12 -0.16
CA ALA M 49 -9.90 -16.37 0.96
C ALA M 49 -9.66 -14.86 0.76
N GLU M 50 -10.63 -14.07 1.18
CA GLU M 50 -10.55 -12.60 1.12
C GLU M 50 -10.75 -11.90 2.47
N THR M 51 -10.44 -10.62 2.47
CA THR M 51 -10.71 -9.79 3.63
C THR M 51 -11.14 -8.40 3.20
N LYS M 52 -11.94 -7.76 4.03
CA LYS M 52 -12.27 -6.35 3.80
C LYS M 52 -11.07 -5.49 4.20
N THR M 53 -10.77 -4.52 3.34
CA THR M 53 -9.75 -3.49 3.61
C THR M 53 -10.07 -2.21 2.87
N HIS M 54 -9.43 -1.11 3.27
CA HIS M 54 -9.69 0.18 2.58
C HIS M 54 -8.57 0.59 1.63
N VAL M 55 -8.94 1.12 0.49
CA VAL M 55 -7.97 1.64 -0.47
C VAL M 55 -8.36 3.05 -0.81
N GLU M 56 -7.46 3.78 -1.47
CA GLU M 56 -7.76 5.15 -1.87
C GLU M 56 -8.94 5.12 -2.85
N VAL M 57 -9.68 6.21 -2.92
CA VAL M 57 -10.68 6.35 -3.99
C VAL M 57 -9.86 6.39 -5.29
N SER M 58 -10.38 5.74 -6.32
CA SER M 58 -9.75 5.56 -7.64
C SER M 58 -9.68 6.84 -8.45
N ALA M 59 -8.74 6.90 -9.38
CA ALA M 59 -8.62 8.09 -10.26
C ALA M 59 -9.93 8.36 -11.07
N LYS M 60 -10.56 7.31 -11.60
CA LYS M 60 -11.89 7.46 -12.32
C LYS M 60 -12.88 8.19 -11.43
N ASP M 61 -13.01 7.69 -10.20
CA ASP M 61 -13.87 8.29 -9.17
C ASP M 61 -13.42 9.71 -8.80
N ARG M 62 -12.12 9.95 -8.49
CA ARG M 62 -11.67 11.32 -8.24
C ARG M 62 -11.91 12.28 -9.42
N ILE M 63 -11.70 11.80 -10.64
CA ILE M 63 -11.94 12.59 -11.88
C ILE M 63 -13.43 12.96 -12.05
N LYS M 64 -14.33 12.06 -11.69
CA LYS M 64 -15.79 12.40 -11.72
C LYS M 64 -16.14 13.48 -10.68
N ALA M 65 -15.60 13.35 -9.48
CA ALA M 65 -15.74 14.39 -8.44
C ALA M 65 -15.29 15.74 -9.02
N LEU M 66 -14.06 15.76 -9.56
CA LEU M 66 -13.49 16.94 -10.24
C LEU M 66 -14.39 17.54 -11.32
N GLU M 67 -14.84 16.69 -12.23
CA GLU M 67 -15.78 17.12 -13.24
C GLU M 67 -16.98 17.83 -12.60
N LEU M 68 -17.57 17.20 -11.59
CA LEU M 68 -18.74 17.77 -10.88
C LEU M 68 -18.43 19.14 -10.25
N LEU M 69 -17.29 19.25 -9.60
CA LEU M 69 -16.88 20.51 -8.97
C LEU M 69 -16.78 21.65 -10.02
N GLY M 70 -16.03 21.37 -11.09
CA GLY M 70 -15.86 22.29 -12.21
C GLY M 70 -17.12 22.72 -12.97
N LYS M 71 -18.22 21.99 -12.82
CA LYS M 71 -19.53 22.43 -13.36
C LYS M 71 -20.52 22.81 -12.26
N ALA M 72 -20.01 23.22 -11.10
CA ALA M 72 -20.83 23.71 -10.00
C ALA M 72 -21.32 25.15 -10.25
N LYS N 17 -15.33 22.23 5.00
CA LYS N 17 -15.00 23.69 4.95
C LYS N 17 -14.45 24.09 3.58
N LYS N 18 -13.54 23.28 3.04
CA LYS N 18 -12.91 23.57 1.72
C LYS N 18 -13.79 23.13 0.56
N ILE N 19 -13.90 24.01 -0.42
CA ILE N 19 -14.53 23.71 -1.71
C ILE N 19 -13.57 24.08 -2.85
N LEU N 20 -13.29 23.12 -3.73
CA LEU N 20 -12.38 23.38 -4.88
C LEU N 20 -13.14 24.24 -5.90
N GLN N 21 -12.53 25.34 -6.33
CA GLN N 21 -13.11 26.19 -7.38
C GLN N 21 -12.68 25.67 -8.76
N ALA N 22 -13.22 26.29 -9.81
CA ALA N 22 -13.04 25.82 -11.21
C ALA N 22 -11.59 25.82 -11.69
N ASN N 23 -10.84 26.87 -11.34
CA ASN N 23 -9.41 26.93 -11.68
C ASN N 23 -8.64 25.80 -10.99
N GLU N 24 -8.87 25.64 -9.69
CA GLU N 24 -8.22 24.58 -8.88
C GLU N 24 -8.49 23.18 -9.45
N VAL N 25 -9.77 22.93 -9.77
CA VAL N 25 -10.18 21.70 -10.46
C VAL N 25 -9.31 21.44 -11.71
N LEU N 26 -9.12 22.48 -12.50
CA LEU N 26 -8.44 22.32 -13.79
C LEU N 26 -6.96 22.04 -13.58
N GLU N 27 -6.42 22.56 -12.48
CA GLU N 27 -5.00 22.36 -12.14
C GLU N 27 -4.73 20.90 -11.77
N HIS N 28 -5.68 20.32 -11.04
CA HIS N 28 -5.63 18.90 -10.68
C HIS N 28 -5.79 17.98 -11.90
N LEU N 29 -6.76 18.29 -12.75
CA LEU N 29 -6.91 17.57 -14.03
C LEU N 29 -5.62 17.59 -14.89
N THR N 30 -4.88 18.69 -14.80
CA THR N 30 -3.64 18.84 -15.58
C THR N 30 -2.59 17.88 -15.03
N ARG N 31 -2.43 17.85 -13.71
CA ARG N 31 -1.52 16.88 -13.09
C ARG N 31 -1.82 15.46 -13.61
N ILE N 32 -3.10 15.13 -13.65
CA ILE N 32 -3.53 13.79 -14.06
C ILE N 32 -3.19 13.54 -15.54
N ALA N 33 -3.50 14.54 -16.37
CA ALA N 33 -3.28 14.45 -17.82
C ALA N 33 -1.80 14.27 -18.16
N LEU N 34 -0.97 14.98 -17.41
CA LEU N 34 0.46 15.00 -17.63
C LEU N 34 1.18 13.74 -17.14
N GLY N 35 0.43 12.87 -16.46
CA GLY N 35 0.96 11.59 -15.98
C GLY N 35 1.67 11.74 -14.65
N GLN N 36 1.29 12.77 -13.91
CA GLN N 36 1.96 13.07 -12.61
C GLN N 36 1.40 12.24 -11.45
N GLU N 37 0.20 11.71 -11.65
CA GLU N 37 -0.58 11.16 -10.55
C GLU N 37 -0.59 9.64 -10.53
N LYS N 38 -0.82 9.12 -9.33
CA LYS N 38 -0.87 7.70 -9.04
C LYS N 38 -2.26 7.31 -8.52
N GLU N 39 -2.52 6.01 -8.53
CA GLU N 39 -3.71 5.50 -7.89
C GLU N 39 -3.36 4.20 -7.20
N GLN N 40 -3.99 3.99 -6.05
CA GLN N 40 -3.77 2.77 -5.26
C GLN N 40 -4.64 1.64 -5.77
N VAL N 41 -4.03 0.49 -6.01
CA VAL N 41 -4.76 -0.69 -6.50
C VAL N 41 -4.29 -1.94 -5.75
N LEU N 42 -4.90 -3.08 -6.01
CA LEU N 42 -4.46 -4.34 -5.40
C LEU N 42 -3.68 -5.14 -6.43
N GLY N 44 -1.33 -8.85 -7.02
CA GLY N 44 -1.15 -10.18 -6.52
C GLY N 44 0.29 -10.28 -6.06
N ILE N 45 0.52 -11.12 -5.05
CA ILE N 45 1.88 -11.44 -4.56
C ILE N 45 2.15 -12.97 -4.47
N GLY N 46 1.14 -13.78 -4.76
CA GLY N 46 1.31 -15.23 -4.80
C GLY N 46 0.18 -15.95 -4.10
N LYS N 47 -0.19 -17.10 -4.65
CA LYS N 47 -1.18 -18.03 -4.04
C LYS N 47 -2.53 -17.41 -3.59
N GLY N 48 -2.96 -16.35 -4.27
CA GLY N 48 -4.23 -15.65 -3.97
C GLY N 48 -4.07 -14.32 -3.26
N ALA N 49 -2.99 -14.21 -2.48
CA ALA N 49 -2.80 -13.04 -1.65
C ALA N 49 -2.47 -11.78 -2.48
N GLU N 50 -2.84 -10.64 -1.93
CA GLU N 50 -2.58 -9.35 -2.57
C GLU N 50 -1.97 -8.33 -1.59
N THR N 51 -1.43 -7.29 -2.19
CA THR N 51 -0.95 -6.12 -1.46
C THR N 51 -1.53 -4.89 -2.12
N LYS N 52 -1.74 -3.85 -1.33
CA LYS N 52 -1.95 -2.53 -1.89
C LYS N 52 -0.66 -2.01 -2.51
N THR N 53 -0.82 -1.33 -3.65
CA THR N 53 0.32 -0.72 -4.37
C THR N 53 -0.20 0.47 -5.15
N HIS N 54 0.71 1.29 -5.65
CA HIS N 54 0.36 2.47 -6.47
C HIS N 54 0.84 2.31 -7.90
N VAL N 55 -0.05 2.59 -8.85
CA VAL N 55 0.26 2.54 -10.26
C VAL N 55 -0.09 3.90 -10.90
N GLU N 56 0.51 4.16 -12.05
CA GLU N 56 0.28 5.38 -12.75
C GLU N 56 -1.21 5.36 -13.10
N VAL N 57 -1.79 6.54 -13.10
CA VAL N 57 -3.16 6.69 -13.58
C VAL N 57 -3.23 6.23 -15.03
N SER N 58 -4.17 5.31 -15.28
CA SER N 58 -4.43 4.76 -16.60
C SER N 58 -4.69 5.80 -17.71
N ALA N 59 -4.55 5.34 -18.94
CA ALA N 59 -4.73 6.19 -20.14
C ALA N 59 -6.17 6.63 -20.28
N LYS N 60 -7.09 5.72 -19.99
CA LYS N 60 -8.52 6.08 -20.08
C LYS N 60 -8.81 7.29 -19.20
N ASP N 61 -8.28 7.22 -17.98
CA ASP N 61 -8.49 8.29 -17.04
C ASP N 61 -7.79 9.60 -17.48
N ARG N 62 -6.58 9.48 -18.03
CA ARG N 62 -5.82 10.66 -18.54
C ARG N 62 -6.59 11.30 -19.69
N ILE N 63 -7.17 10.44 -20.50
CA ILE N 63 -7.97 10.89 -21.63
C ILE N 63 -9.24 11.62 -21.13
N LYS N 64 -9.89 11.10 -20.11
CA LYS N 64 -11.03 11.85 -19.51
C LYS N 64 -10.59 13.23 -18.99
N ALA N 65 -9.42 13.30 -18.35
CA ALA N 65 -8.90 14.60 -17.84
C ALA N 65 -8.62 15.56 -18.98
N LEU N 66 -8.12 15.02 -20.08
CA LEU N 66 -7.80 15.79 -21.30
C LEU N 66 -9.08 16.39 -21.92
N GLU N 67 -10.06 15.53 -22.13
CA GLU N 67 -11.43 15.94 -22.56
C GLU N 67 -11.95 17.09 -21.74
N LEU N 68 -11.91 16.92 -20.43
CA LEU N 68 -12.36 17.96 -19.49
C LEU N 68 -11.57 19.27 -19.68
N LEU N 69 -10.25 19.16 -19.75
CA LEU N 69 -9.40 20.33 -20.02
C LEU N 69 -9.72 20.98 -21.36
N GLY N 70 -9.92 20.16 -22.38
CA GLY N 70 -10.31 20.68 -23.71
C GLY N 70 -11.58 21.53 -23.71
N LYS N 71 -12.60 21.06 -22.99
CA LYS N 71 -13.92 21.73 -22.95
C LYS N 71 -14.00 22.88 -21.95
N ALA N 72 -12.97 22.98 -21.12
CA ALA N 72 -12.80 24.10 -20.19
C ALA N 72 -12.46 25.40 -20.94
N GLU O 16 1.72 23.40 -8.83
CA GLU O 16 2.08 23.45 -10.27
C GLU O 16 1.71 24.80 -10.87
N LYS O 17 0.46 25.22 -10.65
CA LYS O 17 -0.06 26.42 -11.29
C LYS O 17 -0.33 26.19 -12.78
N LYS O 18 0.03 25.02 -13.26
CA LYS O 18 -0.14 24.63 -14.66
C LYS O 18 -1.62 24.24 -14.95
N ILE O 19 -2.16 24.85 -15.99
CA ILE O 19 -3.41 24.50 -16.70
C ILE O 19 -3.14 24.29 -18.18
N LEU O 20 -3.31 23.03 -18.52
CA LEU O 20 -3.17 22.60 -19.89
C LEU O 20 -4.24 23.23 -20.74
N GLN O 21 -3.78 23.73 -21.89
CA GLN O 21 -4.74 24.53 -22.69
C GLN O 21 -5.42 23.68 -23.78
N ALA O 22 -6.42 24.16 -24.53
CA ALA O 22 -7.08 23.27 -25.52
C ALA O 22 -6.13 22.80 -26.65
N ASN O 23 -5.22 23.67 -27.07
CA ASN O 23 -4.22 23.32 -28.09
C ASN O 23 -3.35 22.16 -27.64
N GLU O 24 -2.84 22.30 -26.43
CA GLU O 24 -1.93 21.34 -25.81
C GLU O 24 -2.63 20.00 -25.57
N VAL O 25 -3.88 20.08 -25.11
CA VAL O 25 -4.73 18.88 -24.97
C VAL O 25 -4.64 18.09 -26.27
N LEU O 26 -4.86 18.79 -27.37
CA LEU O 26 -4.82 18.17 -28.70
C LEU O 26 -3.49 17.54 -29.02
N GLU O 27 -2.39 18.18 -28.61
CA GLU O 27 -1.07 17.58 -28.79
C GLU O 27 -0.91 16.25 -27.99
N HIS O 28 -1.37 16.25 -26.74
CA HIS O 28 -1.41 15.02 -25.92
C HIS O 28 -2.27 13.98 -26.60
N LEU O 29 -3.49 14.36 -26.97
CA LEU O 29 -4.39 13.41 -27.62
C LEU O 29 -3.79 12.83 -28.88
N THR O 30 -3.08 13.66 -29.64
CA THR O 30 -2.39 13.21 -30.85
C THR O 30 -1.28 12.16 -30.63
N ARG O 31 -0.41 12.38 -29.64
CA ARG O 31 0.61 11.39 -29.33
C ARG O 31 -0.10 10.01 -29.13
N ILE O 32 -1.19 10.04 -28.36
CA ILE O 32 -1.94 8.84 -27.96
C ILE O 32 -2.46 8.14 -29.20
N ALA O 33 -3.14 8.92 -30.04
CA ALA O 33 -3.73 8.39 -31.27
C ALA O 33 -2.66 7.78 -32.19
N LEU O 34 -1.47 8.35 -32.15
CA LEU O 34 -0.37 7.91 -33.04
C LEU O 34 0.30 6.62 -32.57
N GLY O 35 0.03 6.23 -31.34
CA GLY O 35 0.62 5.02 -30.76
C GLY O 35 1.96 5.32 -30.10
N GLN O 36 2.16 6.58 -29.73
CA GLN O 36 3.39 7.05 -29.04
C GLN O 36 3.38 6.86 -27.51
N GLU O 37 2.24 6.48 -26.93
CA GLU O 37 2.13 6.39 -25.47
C GLU O 37 1.96 4.98 -24.90
N LYS O 38 2.23 4.86 -23.61
CA LYS O 38 2.06 3.61 -22.87
C LYS O 38 1.18 3.83 -21.67
N GLU O 39 0.77 2.76 -21.04
CA GLU O 39 0.20 2.84 -19.70
C GLU O 39 0.73 1.69 -18.87
N GLN O 40 0.69 1.90 -17.56
CA GLN O 40 1.23 0.91 -16.64
C GLN O 40 0.08 0.02 -16.20
N VAL O 41 0.30 -1.29 -16.36
CA VAL O 41 -0.63 -2.34 -15.93
C VAL O 41 0.08 -3.41 -15.15
N LEU O 42 -0.72 -4.22 -14.48
CA LEU O 42 -0.27 -5.40 -13.77
C LEU O 42 -0.30 -6.63 -14.68
N GLY O 44 0.75 -10.95 -14.90
CA GLY O 44 1.01 -12.21 -14.20
C GLY O 44 2.45 -12.66 -14.44
N ILE O 45 3.11 -13.08 -13.36
CA ILE O 45 4.49 -13.63 -13.42
C ILE O 45 4.61 -15.00 -12.74
N GLY O 46 3.47 -15.66 -12.55
CA GLY O 46 3.45 -17.02 -12.00
C GLY O 46 2.92 -17.16 -10.59
N LYS O 47 2.12 -18.21 -10.38
CA LYS O 47 1.58 -18.61 -9.05
C LYS O 47 0.56 -17.63 -8.41
N GLY O 48 0.16 -16.60 -9.13
CA GLY O 48 -0.70 -15.52 -8.59
C GLY O 48 0.04 -14.23 -8.39
N ALA O 49 1.36 -14.32 -8.22
CA ALA O 49 2.24 -13.14 -8.25
C ALA O 49 2.08 -12.26 -9.52
N GLU O 50 2.14 -10.94 -9.33
CA GLU O 50 2.15 -9.98 -10.42
C GLU O 50 3.29 -9.00 -10.34
N THR O 51 3.57 -8.41 -11.49
CA THR O 51 4.45 -7.24 -11.57
C THR O 51 3.90 -6.09 -12.45
N LYS O 52 4.34 -4.89 -12.10
CA LYS O 52 4.05 -3.66 -12.86
C LYS O 52 4.84 -3.65 -14.17
N THR O 53 4.14 -3.32 -15.25
CA THR O 53 4.75 -3.26 -16.55
C THR O 53 4.05 -2.17 -17.35
N HIS O 54 4.68 -1.74 -18.42
CA HIS O 54 4.04 -0.84 -19.37
C HIS O 54 3.65 -1.55 -20.67
N VAL O 55 2.43 -1.23 -21.12
CA VAL O 55 1.93 -1.71 -22.40
C VAL O 55 1.51 -0.49 -23.23
N GLU O 56 1.41 -0.74 -24.52
CA GLU O 56 0.88 0.21 -25.45
C GLU O 56 -0.55 0.57 -25.06
N VAL O 57 -0.91 1.84 -25.25
CA VAL O 57 -2.29 2.29 -25.04
C VAL O 57 -3.21 1.52 -26.03
N SER O 58 -4.39 1.15 -25.57
CA SER O 58 -5.25 0.23 -26.31
C SER O 58 -6.00 0.92 -27.42
N ALA O 59 -6.48 0.11 -28.36
CA ALA O 59 -7.31 0.62 -29.46
C ALA O 59 -8.44 1.50 -28.91
N LYS O 60 -9.18 1.02 -27.92
CA LYS O 60 -10.34 1.74 -27.38
C LYS O 60 -9.98 3.17 -26.96
N ASP O 61 -8.87 3.32 -26.25
CA ASP O 61 -8.45 4.64 -25.84
C ASP O 61 -7.94 5.46 -27.01
N ARG O 62 -7.27 4.82 -27.96
CA ARG O 62 -6.76 5.51 -29.14
C ARG O 62 -7.95 6.10 -29.95
N ILE O 63 -9.03 5.32 -30.03
CA ILE O 63 -10.28 5.67 -30.74
C ILE O 63 -11.01 6.83 -30.07
N LYS O 64 -11.05 6.82 -28.75
CA LYS O 64 -11.51 8.00 -28.05
C LYS O 64 -10.64 9.21 -28.36
N ALA O 65 -9.32 9.03 -28.32
CA ALA O 65 -8.43 10.16 -28.68
C ALA O 65 -8.72 10.71 -30.09
N LEU O 66 -8.79 9.81 -31.07
CA LEU O 66 -9.20 10.14 -32.48
C LEU O 66 -10.54 10.87 -32.54
N GLU O 67 -11.52 10.35 -31.80
CA GLU O 67 -12.84 11.00 -31.68
C GLU O 67 -12.77 12.46 -31.16
N LEU O 68 -11.96 12.65 -30.12
CA LEU O 68 -11.82 13.97 -29.53
C LEU O 68 -11.09 14.88 -30.52
N LEU O 69 -10.16 14.32 -31.29
CA LEU O 69 -9.45 15.08 -32.35
C LEU O 69 -10.36 15.52 -33.51
N GLY O 70 -11.21 14.59 -33.93
CA GLY O 70 -12.17 14.83 -35.03
C GLY O 70 -13.14 15.97 -34.75
N LYS O 71 -13.44 16.18 -33.47
CA LYS O 71 -14.37 17.23 -33.04
C LYS O 71 -13.73 18.60 -32.81
N ALA O 72 -12.41 18.65 -32.67
CA ALA O 72 -11.72 19.93 -32.37
C ALA O 72 -11.63 20.88 -33.59
N ASN P 15 5.83 27.49 -28.05
CA ASN P 15 6.13 26.35 -28.93
C ASN P 15 4.87 25.55 -29.20
N GLU P 16 4.99 24.52 -30.03
CA GLU P 16 3.86 23.67 -30.40
C GLU P 16 4.36 22.36 -31.08
N LYS P 17 3.51 21.32 -31.07
CA LYS P 17 3.74 20.00 -31.66
C LYS P 17 2.61 19.61 -32.56
N LYS P 18 2.78 18.37 -32.96
CA LYS P 18 1.83 17.81 -33.90
C LYS P 18 0.39 17.66 -33.38
N ILE P 19 -0.56 18.06 -34.22
CA ILE P 19 -1.99 17.84 -33.96
C ILE P 19 -2.61 17.16 -35.21
N LEU P 20 -3.30 16.03 -34.99
CA LEU P 20 -4.00 15.32 -36.05
C LEU P 20 -5.14 16.18 -36.53
N GLN P 21 -5.31 16.22 -37.84
CA GLN P 21 -6.36 16.99 -38.46
C GLN P 21 -7.50 16.07 -38.93
N ALA P 22 -8.64 16.69 -39.18
CA ALA P 22 -9.91 15.97 -39.46
C ALA P 22 -9.78 14.73 -40.35
N ASN P 23 -9.08 14.89 -41.46
CA ASN P 23 -8.88 13.80 -42.43
C ASN P 23 -7.88 12.72 -42.01
N GLU P 24 -6.82 13.11 -41.31
CA GLU P 24 -5.87 12.14 -40.73
C GLU P 24 -6.60 11.24 -39.73
N VAL P 25 -7.46 11.85 -38.94
CA VAL P 25 -8.31 11.13 -37.98
C VAL P 25 -9.19 10.09 -38.74
N LEU P 26 -9.76 10.51 -39.87
CA LEU P 26 -10.66 9.62 -40.61
C LEU P 26 -9.89 8.47 -41.29
N GLU P 27 -8.67 8.77 -41.76
CA GLU P 27 -7.78 7.74 -42.35
C GLU P 27 -7.36 6.71 -41.27
N HIS P 28 -7.01 7.22 -40.10
CA HIS P 28 -6.65 6.35 -38.96
C HIS P 28 -7.82 5.49 -38.52
N LEU P 29 -8.99 6.10 -38.46
CA LEU P 29 -10.22 5.37 -38.11
C LEU P 29 -10.55 4.28 -39.15
N THR P 30 -10.27 4.57 -40.42
CA THR P 30 -10.54 3.66 -41.56
C THR P 30 -9.67 2.38 -41.52
N ARG P 31 -8.40 2.52 -41.10
CA ARG P 31 -7.51 1.35 -40.90
C ARG P 31 -8.12 0.36 -39.89
N ILE P 32 -8.54 0.95 -38.78
CA ILE P 32 -9.10 0.26 -37.62
C ILE P 32 -10.35 -0.48 -38.05
N ALA P 33 -11.24 0.26 -38.69
CA ALA P 33 -12.50 -0.30 -39.19
C ALA P 33 -12.31 -1.43 -40.23
N LEU P 34 -11.30 -1.34 -41.11
CA LEU P 34 -11.10 -2.39 -42.16
C LEU P 34 -10.28 -3.61 -41.68
N GLY P 35 -10.11 -3.71 -40.36
CA GLY P 35 -9.40 -4.83 -39.73
C GLY P 35 -7.89 -4.76 -39.84
N GLN P 36 -7.36 -3.58 -40.18
CA GLN P 36 -5.92 -3.45 -40.52
C GLN P 36 -5.03 -3.17 -39.31
N GLU P 37 -5.65 -3.01 -38.13
CA GLU P 37 -4.92 -2.64 -36.89
C GLU P 37 -4.87 -3.71 -35.80
N LYS P 38 -3.90 -3.50 -34.91
CA LYS P 38 -3.63 -4.37 -33.79
C LYS P 38 -3.61 -3.56 -32.50
N GLU P 39 -3.72 -4.28 -31.41
CA GLU P 39 -3.45 -3.75 -30.09
C GLU P 39 -2.70 -4.76 -29.23
N GLN P 40 -1.89 -4.21 -28.34
CA GLN P 40 -1.07 -5.00 -27.42
C GLN P 40 -1.86 -5.37 -26.15
N VAL P 41 -1.88 -6.65 -25.84
CA VAL P 41 -2.60 -7.19 -24.70
C VAL P 41 -1.76 -8.16 -23.94
N LEU P 42 -2.31 -8.60 -22.81
CA LEU P 42 -1.67 -9.65 -21.97
C LEU P 42 -2.32 -11.02 -22.21
N GLY P 44 -2.11 -15.35 -21.27
CA GLY P 44 -1.63 -16.40 -20.35
C GLY P 44 -0.76 -17.37 -21.10
N ILE P 45 0.36 -17.75 -20.51
CA ILE P 45 1.26 -18.79 -21.08
C ILE P 45 1.35 -20.04 -20.20
N GLY P 46 0.69 -19.99 -19.05
CA GLY P 46 0.59 -21.13 -18.15
C GLY P 46 1.11 -20.82 -16.77
N LYS P 47 0.43 -21.41 -15.78
CA LYS P 47 0.76 -21.30 -14.36
C LYS P 47 0.84 -19.85 -13.85
N GLY P 48 0.05 -18.96 -14.46
CA GLY P 48 -0.04 -17.56 -13.99
C GLY P 48 0.89 -16.55 -14.66
N ALA P 49 1.94 -17.04 -15.29
CA ALA P 49 2.80 -16.20 -16.12
C ALA P 49 1.96 -15.63 -17.28
N GLU P 50 2.28 -14.40 -17.67
CA GLU P 50 1.68 -13.78 -18.86
C GLU P 50 2.74 -13.18 -19.75
N THR P 51 2.37 -12.97 -21.00
CA THR P 51 3.20 -12.27 -21.95
C THR P 51 2.43 -11.16 -22.69
N LYS P 52 3.17 -10.14 -23.13
CA LYS P 52 2.67 -9.11 -24.04
C LYS P 52 2.60 -9.68 -25.45
N THR P 53 1.52 -9.39 -26.15
CA THR P 53 1.32 -9.97 -27.47
C THR P 53 0.38 -9.00 -28.15
N HIS P 54 0.24 -9.11 -29.47
CA HIS P 54 -0.71 -8.29 -30.24
C HIS P 54 -1.84 -9.12 -30.83
N VAL P 55 -3.03 -8.54 -30.76
CA VAL P 55 -4.25 -9.14 -31.32
C VAL P 55 -4.91 -8.12 -32.20
N GLU P 56 -5.76 -8.61 -33.09
CA GLU P 56 -6.62 -7.76 -33.86
C GLU P 56 -7.47 -6.86 -32.96
N VAL P 57 -7.84 -5.70 -33.50
CA VAL P 57 -8.72 -4.77 -32.81
C VAL P 57 -10.08 -5.41 -32.84
N SER P 58 -10.75 -5.31 -31.71
CA SER P 58 -11.99 -6.04 -31.42
C SER P 58 -13.12 -5.51 -32.32
N ALA P 59 -14.23 -6.25 -32.38
CA ALA P 59 -15.41 -5.80 -33.16
C ALA P 59 -15.98 -4.51 -32.59
N LYS P 60 -16.11 -4.43 -31.27
CA LYS P 60 -16.72 -3.26 -30.64
C LYS P 60 -16.00 -1.99 -31.07
N ASP P 61 -14.69 -2.02 -30.90
CA ASP P 61 -13.87 -0.94 -31.33
C ASP P 61 -14.00 -0.63 -32.81
N ARG P 62 -13.99 -1.67 -33.65
CA ARG P 62 -14.09 -1.51 -35.10
C ARG P 62 -15.46 -0.89 -35.44
N ILE P 63 -16.45 -1.32 -34.69
CA ILE P 63 -17.84 -0.76 -34.83
C ILE P 63 -17.87 0.73 -34.47
N LYS P 64 -17.18 1.11 -33.42
CA LYS P 64 -17.06 2.50 -33.01
C LYS P 64 -16.37 3.33 -34.11
N ALA P 65 -15.29 2.79 -34.66
CA ALA P 65 -14.61 3.40 -35.81
C ALA P 65 -15.66 3.63 -36.95
N LEU P 66 -16.35 2.56 -37.31
CA LEU P 66 -17.44 2.60 -38.34
C LEU P 66 -18.49 3.68 -38.04
N GLU P 67 -18.95 3.73 -36.79
CA GLU P 67 -19.86 4.79 -36.32
C GLU P 67 -19.35 6.21 -36.58
N LEU P 68 -18.12 6.52 -36.17
CA LEU P 68 -17.55 7.85 -36.43
C LEU P 68 -17.39 8.15 -37.95
N LEU P 69 -17.08 7.12 -38.74
CA LEU P 69 -16.79 7.33 -40.13
C LEU P 69 -18.07 7.73 -40.81
N GLY P 70 -19.12 7.03 -40.42
CA GLY P 70 -20.49 7.26 -40.95
C GLY P 70 -21.10 8.59 -40.56
N LYS P 71 -20.56 9.25 -39.55
CA LYS P 71 -21.11 10.55 -39.12
C LYS P 71 -20.25 11.76 -39.43
N ALA P 72 -19.06 11.54 -39.97
CA ALA P 72 -18.14 12.65 -40.28
C ALA P 72 -18.84 13.71 -41.12
N ASN Q 15 -2.10 8.03 -55.61
CA ASN Q 15 -2.53 7.21 -54.41
C ASN Q 15 -2.54 8.06 -53.15
N GLU Q 16 -3.70 8.08 -52.51
CA GLU Q 16 -3.92 8.78 -51.27
C GLU Q 16 -4.05 7.75 -50.14
N LYS Q 17 -4.29 8.26 -48.94
CA LYS Q 17 -4.72 7.42 -47.82
C LYS Q 17 -6.23 7.25 -47.85
N LYS Q 18 -6.66 6.00 -47.66
CA LYS Q 18 -8.08 5.61 -47.78
C LYS Q 18 -8.96 6.15 -46.64
N ILE Q 19 -10.09 6.74 -47.01
CA ILE Q 19 -11.10 7.12 -46.01
C ILE Q 19 -12.42 6.43 -46.37
N LEU Q 20 -12.92 5.61 -45.43
CA LEU Q 20 -14.21 4.92 -45.59
C LEU Q 20 -15.35 5.93 -45.54
N GLN Q 21 -16.18 5.88 -46.57
CA GLN Q 21 -17.37 6.72 -46.76
C GLN Q 21 -18.64 6.07 -46.19
N ALA Q 22 -19.68 6.88 -46.04
CA ALA Q 22 -20.92 6.46 -45.36
C ALA Q 22 -21.62 5.22 -45.98
N ASN Q 23 -21.63 5.11 -47.30
CA ASN Q 23 -22.22 3.93 -47.94
C ASN Q 23 -21.47 2.65 -47.59
N GLU Q 24 -20.16 2.66 -47.81
CA GLU Q 24 -19.31 1.50 -47.43
C GLU Q 24 -19.40 1.17 -45.93
N VAL Q 25 -19.48 2.20 -45.08
CA VAL Q 25 -19.69 1.99 -43.61
C VAL Q 25 -20.94 1.11 -43.35
N LEU Q 26 -22.02 1.43 -44.05
CA LEU Q 26 -23.25 0.65 -43.92
C LEU Q 26 -23.20 -0.77 -44.44
N GLU Q 27 -22.42 -0.97 -45.50
CA GLU Q 27 -22.12 -2.32 -46.02
C GLU Q 27 -21.36 -3.16 -44.98
N HIS Q 28 -20.34 -2.54 -44.42
CA HIS Q 28 -19.52 -3.17 -43.40
C HIS Q 28 -20.33 -3.50 -42.16
N LEU Q 29 -21.21 -2.58 -41.77
CA LEU Q 29 -22.09 -2.77 -40.63
C LEU Q 29 -23.10 -3.90 -40.86
N THR Q 30 -23.56 -4.01 -42.11
CA THR Q 30 -24.50 -5.08 -42.49
C THR Q 30 -23.84 -6.48 -42.42
N ARG Q 31 -22.59 -6.58 -42.87
CA ARG Q 31 -21.85 -7.83 -42.81
C ARG Q 31 -21.86 -8.25 -41.36
N ILE Q 32 -21.54 -7.30 -40.48
CA ILE Q 32 -21.53 -7.58 -39.03
C ILE Q 32 -22.92 -8.04 -38.52
N ALA Q 33 -23.95 -7.26 -38.88
CA ALA Q 33 -25.34 -7.52 -38.46
C ALA Q 33 -25.84 -8.92 -38.82
N LEU Q 34 -25.53 -9.35 -40.05
CA LEU Q 34 -25.96 -10.66 -40.58
C LEU Q 34 -25.07 -11.85 -40.09
N GLY Q 35 -24.08 -11.56 -39.27
CA GLY Q 35 -23.23 -12.64 -38.71
C GLY Q 35 -22.17 -13.20 -39.65
N GLN Q 36 -21.61 -12.34 -40.48
CA GLN Q 36 -20.56 -12.72 -41.46
C GLN Q 36 -19.16 -12.41 -40.98
N GLU Q 37 -19.06 -11.85 -39.81
CA GLU Q 37 -17.75 -11.42 -39.33
C GLU Q 37 -17.37 -12.14 -38.05
N LYS Q 38 -16.11 -11.97 -37.71
CA LYS Q 38 -15.54 -12.64 -36.58
C LYS Q 38 -14.70 -11.64 -35.78
N GLU Q 39 -14.45 -11.98 -34.53
CA GLU Q 39 -13.43 -11.21 -33.79
C GLU Q 39 -12.46 -12.14 -33.16
N GLN Q 40 -11.20 -11.69 -33.12
CA GLN Q 40 -10.12 -12.46 -32.49
C GLN Q 40 -10.12 -12.23 -30.97
N VAL Q 41 -10.06 -13.36 -30.24
CA VAL Q 41 -10.12 -13.37 -28.77
C VAL Q 41 -9.08 -14.34 -28.17
N LEU Q 42 -8.92 -14.25 -26.86
CA LEU Q 42 -8.01 -15.15 -26.11
C LEU Q 42 -8.84 -16.21 -25.41
N GLY Q 44 -8.79 -19.78 -23.18
CA GLY Q 44 -8.01 -20.64 -22.28
C GLY Q 44 -7.83 -22.04 -22.84
N ILE Q 45 -6.65 -22.62 -22.65
CA ILE Q 45 -6.36 -23.98 -23.14
C ILE Q 45 -5.88 -24.91 -22.04
N GLY Q 46 -6.11 -24.51 -20.79
CA GLY Q 46 -5.71 -25.30 -19.60
C GLY Q 46 -4.47 -24.76 -18.92
N LYS Q 47 -4.44 -24.89 -17.60
CA LYS Q 47 -3.27 -24.50 -16.77
C LYS Q 47 -2.94 -23.00 -16.74
N GLY Q 48 -3.90 -22.18 -17.18
CA GLY Q 48 -3.74 -20.71 -17.24
C GLY Q 48 -3.25 -20.18 -18.59
N ALA Q 49 -2.73 -21.08 -19.42
CA ALA Q 49 -2.23 -20.72 -20.74
C ALA Q 49 -3.48 -20.41 -21.59
N GLU Q 50 -3.26 -19.60 -22.62
CA GLU Q 50 -4.34 -19.17 -23.53
C GLU Q 50 -3.83 -19.18 -24.98
N THR Q 51 -4.77 -19.16 -25.91
CA THR Q 51 -4.45 -19.14 -27.32
C THR Q 51 -5.34 -18.12 -28.07
N LYS Q 52 -4.78 -17.54 -29.13
CA LYS Q 52 -5.55 -16.60 -29.97
C LYS Q 52 -6.46 -17.40 -30.92
N THR Q 53 -7.76 -17.13 -30.85
CA THR Q 53 -8.71 -17.76 -31.77
C THR Q 53 -9.71 -16.72 -32.29
N HIS Q 54 -10.68 -17.18 -33.09
CA HIS Q 54 -11.69 -16.33 -33.68
C HIS Q 54 -13.12 -16.84 -33.48
N VAL Q 55 -13.95 -15.93 -33.00
CA VAL Q 55 -15.32 -16.21 -32.61
C VAL Q 55 -16.27 -15.32 -33.38
N GLU Q 56 -17.55 -15.67 -33.33
CA GLU Q 56 -18.56 -14.86 -33.95
C GLU Q 56 -18.65 -13.56 -33.21
N VAL Q 57 -18.96 -12.50 -33.94
CA VAL Q 57 -19.28 -11.21 -33.33
C VAL Q 57 -20.49 -11.40 -32.40
N SER Q 58 -20.39 -10.81 -31.22
CA SER Q 58 -21.34 -10.95 -30.12
C SER Q 58 -22.67 -10.28 -30.43
N ALA Q 59 -23.68 -10.69 -29.70
CA ALA Q 59 -25.04 -10.14 -29.89
C ALA Q 59 -25.05 -8.63 -29.61
N LYS Q 60 -24.31 -8.21 -28.58
CA LYS Q 60 -24.21 -6.81 -28.18
C LYS Q 60 -23.72 -5.96 -29.34
N ASP Q 61 -22.62 -6.40 -29.96
CA ASP Q 61 -22.00 -5.69 -31.11
C ASP Q 61 -22.89 -5.72 -32.37
N ARG Q 62 -23.43 -6.89 -32.67
CA ARG Q 62 -24.43 -7.02 -33.79
C ARG Q 62 -25.61 -6.11 -33.61
N ILE Q 63 -26.10 -6.01 -32.39
CA ILE Q 63 -27.21 -5.10 -32.06
C ILE Q 63 -26.85 -3.63 -32.23
N LYS Q 64 -25.65 -3.25 -31.76
CA LYS Q 64 -25.15 -1.93 -32.10
C LYS Q 64 -25.15 -1.68 -33.61
N ALA Q 65 -24.83 -2.71 -34.38
CA ALA Q 65 -24.62 -2.59 -35.82
C ALA Q 65 -25.99 -2.35 -36.46
N LEU Q 66 -26.94 -3.16 -36.03
CA LEU Q 66 -28.36 -3.01 -36.46
C LEU Q 66 -28.91 -1.61 -36.13
N GLU Q 67 -28.67 -1.14 -34.91
CA GLU Q 67 -29.06 0.20 -34.45
C GLU Q 67 -28.57 1.28 -35.41
N LEU Q 68 -27.26 1.29 -35.62
CA LEU Q 68 -26.64 2.22 -36.57
C LEU Q 68 -27.30 2.12 -37.96
N LEU Q 69 -27.43 0.88 -38.43
CA LEU Q 69 -28.13 0.59 -39.70
C LEU Q 69 -29.54 1.18 -39.75
N GLY Q 70 -30.25 1.11 -38.64
CA GLY Q 70 -31.63 1.69 -38.52
C GLY Q 70 -31.68 3.21 -38.54
N LYS Q 71 -30.60 3.82 -38.11
CA LYS Q 71 -30.46 5.27 -38.04
C LYS Q 71 -30.03 5.87 -39.36
N ALA Q 72 -29.58 5.02 -40.26
CA ALA Q 72 -29.03 5.46 -41.55
C ALA Q 72 -29.96 6.36 -42.33
N LYS R 17 -22.31 -4.14 -51.83
CA LYS R 17 -23.07 -5.23 -51.19
C LYS R 17 -24.29 -4.71 -50.43
N LYS R 18 -25.11 -5.65 -50.01
CA LYS R 18 -26.28 -5.41 -49.16
C LYS R 18 -26.06 -4.45 -47.98
N ILE R 19 -27.03 -3.57 -47.87
CA ILE R 19 -27.20 -2.70 -46.72
C ILE R 19 -28.58 -3.01 -46.19
N LEU R 20 -28.68 -3.32 -44.90
CA LEU R 20 -29.98 -3.67 -44.32
C LEU R 20 -30.97 -2.50 -44.38
N GLN R 21 -32.17 -2.82 -44.82
CA GLN R 21 -33.27 -1.88 -44.68
C GLN R 21 -33.69 -1.75 -43.21
N ALA R 22 -34.31 -0.60 -42.92
CA ALA R 22 -34.87 -0.32 -41.58
C ALA R 22 -35.87 -1.39 -41.12
N ASN R 23 -36.78 -1.78 -42.03
CA ASN R 23 -37.74 -2.85 -41.73
C ASN R 23 -37.03 -4.18 -41.49
N GLU R 24 -35.93 -4.41 -42.22
CA GLU R 24 -35.12 -5.62 -42.01
C GLU R 24 -34.35 -5.62 -40.66
N VAL R 25 -33.90 -4.44 -40.24
CA VAL R 25 -33.31 -4.24 -38.90
C VAL R 25 -34.31 -4.59 -37.80
N LEU R 26 -35.54 -4.09 -37.96
CA LEU R 26 -36.65 -4.36 -37.05
C LEU R 26 -37.05 -5.83 -36.99
N GLU R 27 -37.02 -6.50 -38.15
CA GLU R 27 -37.24 -7.94 -38.22
C GLU R 27 -36.16 -8.71 -37.38
N HIS R 28 -34.89 -8.39 -37.61
CA HIS R 28 -33.72 -8.96 -36.85
C HIS R 28 -33.79 -8.66 -35.36
N LEU R 29 -34.11 -7.42 -35.03
CA LEU R 29 -34.36 -7.04 -33.64
C LEU R 29 -35.49 -7.84 -33.03
N THR R 30 -36.51 -8.13 -33.85
CA THR R 30 -37.64 -8.87 -33.36
C THR R 30 -37.28 -10.32 -32.93
N ARG R 31 -36.49 -11.02 -33.74
CA ARG R 31 -36.15 -12.42 -33.42
C ARG R 31 -35.33 -12.46 -32.14
N ILE R 32 -34.48 -11.45 -31.99
CA ILE R 32 -33.67 -11.31 -30.80
C ILE R 32 -34.54 -11.05 -29.57
N ALA R 33 -35.42 -10.04 -29.67
CA ALA R 33 -36.30 -9.68 -28.56
C ALA R 33 -37.19 -10.84 -28.10
N LEU R 34 -37.65 -11.66 -29.05
CA LEU R 34 -38.45 -12.85 -28.76
C LEU R 34 -37.70 -14.07 -28.25
N GLY R 35 -36.38 -13.94 -28.10
CA GLY R 35 -35.57 -15.04 -27.56
C GLY R 35 -35.31 -16.18 -28.54
N GLN R 36 -35.25 -15.84 -29.84
CA GLN R 36 -35.04 -16.82 -30.91
C GLN R 36 -33.58 -16.94 -31.39
N GLU R 37 -32.68 -16.19 -30.75
CA GLU R 37 -31.31 -16.08 -31.23
C GLU R 37 -30.29 -16.45 -30.19
N LYS R 38 -29.10 -16.70 -30.71
CA LYS R 38 -28.02 -17.17 -29.91
C LYS R 38 -26.77 -16.35 -30.11
N GLU R 39 -25.79 -16.58 -29.24
CA GLU R 39 -24.49 -16.00 -29.47
C GLU R 39 -23.40 -16.99 -29.06
N GLN R 40 -22.26 -16.87 -29.72
CA GLN R 40 -21.13 -17.73 -29.47
C GLN R 40 -20.28 -17.15 -28.31
N VAL R 41 -19.96 -18.03 -27.37
CA VAL R 41 -19.19 -17.66 -26.18
C VAL R 41 -18.26 -18.80 -25.87
N LEU R 42 -17.35 -18.55 -24.95
CA LEU R 42 -16.40 -19.56 -24.50
C LEU R 42 -16.80 -20.07 -23.10
N GLY R 44 -16.00 -23.06 -19.96
CA GLY R 44 -15.01 -23.87 -19.32
C GLY R 44 -15.32 -25.35 -19.46
N ILE R 45 -14.28 -26.14 -19.67
CA ILE R 45 -14.40 -27.60 -19.76
C ILE R 45 -13.50 -28.35 -18.74
N GLY R 46 -12.59 -27.64 -18.06
CA GLY R 46 -11.77 -28.27 -17.04
C GLY R 46 -10.36 -27.77 -16.98
N LYS R 47 -9.99 -27.30 -15.78
CA LYS R 47 -8.62 -26.84 -15.44
C LYS R 47 -8.15 -25.70 -16.32
N GLY R 48 -9.03 -24.72 -16.55
CA GLY R 48 -8.71 -23.51 -17.35
C GLY R 48 -8.99 -23.60 -18.85
N ALA R 49 -9.14 -24.83 -19.33
CA ALA R 49 -9.45 -25.13 -20.72
C ALA R 49 -10.85 -24.65 -21.02
N GLU R 50 -11.04 -24.06 -22.20
CA GLU R 50 -12.37 -23.60 -22.62
C GLU R 50 -12.77 -24.18 -23.96
N THR R 51 -14.04 -24.07 -24.27
CA THR R 51 -14.42 -24.43 -25.63
C THR R 51 -15.48 -23.48 -26.13
N LYS R 52 -15.65 -23.39 -27.44
CA LYS R 52 -16.63 -22.53 -28.06
C LYS R 52 -18.01 -23.17 -27.95
N THR R 53 -18.96 -22.37 -27.41
CA THR R 53 -20.33 -22.85 -27.47
C THR R 53 -21.30 -21.76 -27.93
N HIS R 54 -22.58 -22.08 -28.11
CA HIS R 54 -23.64 -21.10 -28.34
C HIS R 54 -24.65 -21.10 -27.18
N VAL R 55 -24.94 -19.93 -26.66
CA VAL R 55 -25.95 -19.74 -25.64
C VAL R 55 -27.04 -18.82 -26.16
N GLU R 56 -28.14 -18.78 -25.42
CA GLU R 56 -29.23 -17.85 -25.69
C GLU R 56 -28.67 -16.46 -25.54
N VAL R 57 -29.25 -15.52 -26.28
CA VAL R 57 -28.89 -14.10 -26.16
C VAL R 57 -29.44 -13.62 -24.81
N SER R 58 -28.58 -12.96 -24.04
CA SER R 58 -28.91 -12.47 -22.69
C SER R 58 -30.06 -11.49 -22.65
N ALA R 59 -30.59 -11.31 -21.45
CA ALA R 59 -31.76 -10.44 -21.21
C ALA R 59 -31.38 -8.97 -21.48
N LYS R 60 -30.21 -8.56 -21.05
CA LYS R 60 -29.74 -7.19 -21.32
C LYS R 60 -29.77 -6.85 -22.82
N ASP R 61 -29.35 -7.77 -23.68
CA ASP R 61 -29.38 -7.55 -25.11
C ASP R 61 -30.83 -7.64 -25.63
N ARG R 62 -31.63 -8.56 -25.11
CA ARG R 62 -33.08 -8.63 -25.52
C ARG R 62 -33.81 -7.31 -25.28
N ILE R 63 -33.58 -6.74 -24.10
CA ILE R 63 -34.14 -5.47 -23.62
C ILE R 63 -33.70 -4.26 -24.45
N LYS R 64 -32.46 -4.30 -24.88
CA LYS R 64 -31.93 -3.31 -25.82
C LYS R 64 -32.62 -3.39 -27.17
N ALA R 65 -32.86 -4.62 -27.64
CA ALA R 65 -33.62 -4.82 -28.88
C ALA R 65 -35.06 -4.28 -28.72
N LEU R 66 -35.72 -4.74 -27.66
CA LEU R 66 -37.02 -4.21 -27.17
C LEU R 66 -37.05 -2.67 -27.11
N GLU R 67 -36.02 -2.09 -26.52
CA GLU R 67 -35.91 -0.65 -26.41
C GLU R 67 -35.92 0.05 -27.75
N LEU R 68 -35.11 -0.47 -28.67
CA LEU R 68 -35.03 0.02 -30.04
C LEU R 68 -36.36 -0.25 -30.79
N LEU R 69 -37.01 -1.34 -30.45
CA LEU R 69 -38.25 -1.74 -31.13
C LEU R 69 -39.42 -0.81 -30.80
N GLY R 70 -39.49 -0.36 -29.55
CA GLY R 70 -40.52 0.59 -29.09
C GLY R 70 -40.39 2.00 -29.64
N LYS R 71 -39.20 2.36 -30.11
CA LYS R 71 -38.94 3.71 -30.64
C LYS R 71 -39.39 3.84 -32.08
N ALA R 72 -39.44 2.72 -32.77
CA ALA R 72 -39.85 2.70 -34.18
C ALA R 72 -41.34 3.05 -34.28
#